data_5C05
#
_entry.id   5C05
#
_cell.length_a   50.200
_cell.length_b   79.610
_cell.length_c   93.320
_cell.angle_alpha   94.790
_cell.angle_beta   103.310
_cell.angle_gamma   105.560
#
_symmetry.space_group_name_H-M   'P 1'
#
loop_
_entity.id
_entity.type
_entity.pdbx_description
1 polymer 'Putative gamma-terpinene synthase'
2 non-polymer 1,2-ETHANEDIOL
3 water water
#
_entity_poly.entity_id   1
_entity_poly.type   'polypeptide(L)'
_entity_poly.pdbx_seq_one_letter_code
;MHHHHHHITSLYKKAGSMRRSGNYQAPVWNNDFIQSFSTDKYKDEKFLKKKEELIAQVKVLLNTKMEAVKQLELIEDLRN
LGLTYYFEDEFKKILTSIYNEHKGFKNEQVGDLYFTSLAFRLLRLHGFDVSEDVFNFFKNEDGSDFKASLGENTKDVLEL
YEASFLIRVGEVTLEQARVFSTKILEKKVEEGIKDEKLLAWIQHSLALPLHWRIQRLEARWFLDAYKARKDMNPIIYELG
KIDFHIIQETQLQEVQEVSQWWTNTNLAEKLPFVRDRIVECYFWALGLFEPHEYGYQRKMAAIIITFVTIIDDVYDVYDT
LDELQLFTDAIRKWDVESISTLPYYMQVCYLAVFTYASELAYDILKDQGFNSISYLQRSWLSLVEGFFQEAKWYYAGYTP
TLAEYLENAKVSISSPTIISQVYFTLPNSTERTVVENVFGYHNILYLSGMILRLADDLGTTQFELKRGDVQKAIQCYMND
NNATEEEGTEHVKYLLREAWQEMNSAMADPDCPLSEDLVFAAANLGRTSQFIYLDGDGHGVQHSEIHNQMGGLIFEPYV
;
_entity_poly.pdbx_strand_id   A,B
#
loop_
_chem_comp.id
_chem_comp.type
_chem_comp.name
_chem_comp.formula
EDO non-polymer 1,2-ETHANEDIOL 'C2 H6 O2'
#
# COMPACT_ATOMS: atom_id res chain seq x y z
N VAL A 28 8.91 18.82 17.89
CA VAL A 28 9.39 17.59 17.30
C VAL A 28 8.52 17.23 16.08
N TRP A 29 9.18 16.76 15.02
CA TRP A 29 8.54 16.53 13.73
C TRP A 29 7.93 15.12 13.69
N ASN A 30 6.93 14.93 14.53
CA ASN A 30 6.20 13.67 14.46
C ASN A 30 5.10 13.76 13.40
N ASN A 31 4.42 12.63 13.18
CA ASN A 31 3.45 12.59 12.09
C ASN A 31 2.28 13.53 12.34
N ASP A 32 1.79 13.61 13.58
CA ASP A 32 0.72 14.56 13.87
C ASP A 32 1.14 15.98 13.52
N PHE A 33 2.37 16.36 13.85
CA PHE A 33 2.85 17.71 13.49
C PHE A 33 2.82 17.88 11.97
N ILE A 34 3.40 16.91 11.25
CA ILE A 34 3.51 17.00 9.80
C ILE A 34 2.13 17.04 9.15
N GLN A 35 1.19 16.22 9.63
CA GLN A 35 -0.12 16.20 8.99
C GLN A 35 -0.94 17.44 9.29
N SER A 36 -0.55 18.19 10.32
CA SER A 36 -1.36 19.32 10.79
C SER A 36 -1.41 20.48 9.80
N PHE A 37 -0.52 20.52 8.81
CA PHE A 37 -0.44 21.66 7.90
C PHE A 37 -1.44 21.50 6.77
N SER A 38 -2.06 22.62 6.39
CA SER A 38 -2.93 22.61 5.23
C SER A 38 -2.10 22.60 3.94
N THR A 39 -2.59 21.88 2.94
CA THR A 39 -1.95 21.90 1.62
C THR A 39 -2.91 22.44 0.57
N ASP A 40 -3.84 23.29 1.00
CA ASP A 40 -4.80 23.93 0.11
C ASP A 40 -4.53 25.42 -0.07
N LYS A 41 -3.44 25.93 0.48
CA LYS A 41 -3.23 27.38 0.50
C LYS A 41 -3.12 27.95 -0.91
N TYR A 42 -2.49 27.21 -1.84
CA TYR A 42 -2.22 27.74 -3.17
C TYR A 42 -2.90 26.94 -4.28
N LYS A 43 -3.97 26.21 -3.96
CA LYS A 43 -4.65 25.40 -4.97
C LYS A 43 -5.57 26.23 -5.85
N ASP A 44 -6.15 27.31 -5.33
CA ASP A 44 -7.09 28.14 -6.07
C ASP A 44 -6.53 28.52 -7.45
N GLU A 45 -7.43 28.55 -8.43
CA GLU A 45 -7.00 28.72 -9.81
C GLU A 45 -6.36 30.07 -10.07
N LYS A 46 -6.62 31.07 -9.21
CA LYS A 46 -6.00 32.37 -9.43
C LYS A 46 -4.48 32.31 -9.35
N PHE A 47 -3.93 31.33 -8.61
CA PHE A 47 -2.48 31.31 -8.45
C PHE A 47 -1.77 30.86 -9.73
N LEU A 48 -2.28 29.81 -10.37
CA LEU A 48 -1.73 29.42 -11.67
C LEU A 48 -1.91 30.52 -12.70
N LYS A 49 -3.06 31.21 -12.67
CA LYS A 49 -3.28 32.29 -13.62
C LYS A 49 -2.29 33.43 -13.40
N LYS A 50 -2.08 33.82 -12.14
CA LYS A 50 -1.07 34.84 -11.86
C LYS A 50 0.32 34.38 -12.28
N LYS A 51 0.69 33.15 -11.95
CA LYS A 51 2.00 32.64 -12.36
C LYS A 51 2.16 32.70 -13.89
N GLU A 52 1.13 32.28 -14.61
CA GLU A 52 1.21 32.32 -16.07
C GLU A 52 1.40 33.74 -16.58
N GLU A 53 0.71 34.70 -15.95
CA GLU A 53 0.86 36.10 -16.38
C GLU A 53 2.27 36.58 -16.16
N LEU A 54 2.85 36.27 -15.01
CA LEU A 54 4.23 36.66 -14.73
C LEU A 54 5.18 36.02 -15.71
N ILE A 55 4.97 34.73 -15.99
CA ILE A 55 5.83 34.04 -16.95
C ILE A 55 5.80 34.74 -18.30
N ALA A 56 4.60 35.11 -18.75
CA ALA A 56 4.47 35.78 -20.03
C ALA A 56 5.25 37.08 -20.04
N GLN A 57 5.19 37.83 -18.93
CA GLN A 57 5.88 39.12 -18.87
C GLN A 57 7.39 38.92 -18.89
N VAL A 58 7.86 37.88 -18.24
CA VAL A 58 9.29 37.63 -18.28
C VAL A 58 9.72 37.23 -19.68
N LYS A 59 8.88 36.51 -20.42
CA LYS A 59 9.25 36.18 -21.80
C LYS A 59 9.34 37.43 -22.67
N VAL A 60 8.49 38.44 -22.41
CA VAL A 60 8.60 39.70 -23.15
C VAL A 60 9.98 40.30 -22.94
N LEU A 61 10.41 40.34 -21.68
CA LEU A 61 11.74 40.83 -21.34
C LEU A 61 12.85 40.03 -22.02
N LEU A 62 12.80 38.70 -21.90
CA LEU A 62 13.78 37.83 -22.56
C LEU A 62 13.83 38.05 -24.07
N ASN A 63 12.73 38.53 -24.67
CA ASN A 63 12.70 38.79 -26.10
C ASN A 63 12.97 40.24 -26.49
N THR A 64 13.32 41.12 -25.54
CA THR A 64 13.66 42.49 -25.85
C THR A 64 15.14 42.57 -26.21
N LYS A 65 15.43 43.37 -27.22
CA LYS A 65 16.81 43.56 -27.63
C LYS A 65 17.60 44.13 -26.47
N MET A 66 18.75 43.53 -26.19
CA MET A 66 19.60 44.00 -25.12
C MET A 66 20.99 43.41 -25.35
N GLU A 67 21.98 44.01 -24.69
CA GLU A 67 23.35 43.56 -24.83
C GLU A 67 23.50 42.12 -24.35
N ALA A 68 24.43 41.40 -24.98
CA ALA A 68 24.59 39.99 -24.69
C ALA A 68 24.88 39.76 -23.21
N VAL A 69 25.75 40.58 -22.60
CA VAL A 69 26.06 40.37 -21.18
C VAL A 69 24.78 40.49 -20.33
N LYS A 70 23.90 41.44 -20.66
CA LYS A 70 22.66 41.61 -19.91
C LYS A 70 21.75 40.40 -20.09
N GLN A 71 21.72 39.83 -21.29
CA GLN A 71 20.94 38.60 -21.49
C GLN A 71 21.48 37.49 -20.60
N LEU A 72 22.80 37.35 -20.52
CA LEU A 72 23.38 36.28 -19.69
C LEU A 72 23.08 36.53 -18.23
N GLU A 73 23.11 37.79 -17.80
CA GLU A 73 22.82 38.10 -16.40
C GLU A 73 21.37 37.81 -16.06
N LEU A 74 20.46 38.04 -17.02
CA LEU A 74 19.07 37.69 -16.83
C LEU A 74 18.89 36.18 -16.69
N ILE A 75 19.54 35.42 -17.59
CA ILE A 75 19.45 33.96 -17.50
C ILE A 75 19.98 33.50 -16.16
N GLU A 76 21.10 34.06 -15.72
CA GLU A 76 21.69 33.63 -14.45
C GLU A 76 20.77 33.95 -13.29
N ASP A 77 20.12 35.12 -13.32
CA ASP A 77 19.21 35.46 -12.24
C ASP A 77 18.01 34.54 -12.24
N LEU A 78 17.43 34.26 -13.42
CA LEU A 78 16.29 33.35 -13.46
C LEU A 78 16.70 31.97 -13.02
N ARG A 79 17.88 31.52 -13.44
CA ARG A 79 18.25 30.15 -13.12
C ARG A 79 18.51 30.01 -11.62
N ASN A 80 19.03 31.06 -10.97
CA ASN A 80 19.24 30.97 -9.52
C ASN A 80 17.94 31.10 -8.71
N LEU A 81 16.85 31.49 -9.35
CA LEU A 81 15.52 31.45 -8.73
C LEU A 81 14.80 30.15 -9.06
N GLY A 82 15.45 29.22 -9.74
CA GLY A 82 14.82 27.94 -10.04
C GLY A 82 13.79 28.02 -11.15
N LEU A 83 13.90 29.01 -12.03
CA LEU A 83 12.87 29.28 -13.03
C LEU A 83 13.23 28.78 -14.41
N THR A 84 14.35 28.07 -14.57
CA THR A 84 14.75 27.58 -15.90
C THR A 84 13.63 26.83 -16.60
N TYR A 85 12.87 26.05 -15.83
CA TYR A 85 11.82 25.22 -16.36
C TYR A 85 10.86 25.98 -17.27
N TYR A 86 10.59 27.25 -16.96
CA TYR A 86 9.62 28.03 -17.72
C TYR A 86 10.20 28.67 -18.98
N PHE A 87 11.54 28.69 -19.14
CA PHE A 87 12.15 29.57 -20.14
C PHE A 87 13.18 28.85 -20.99
N GLU A 88 13.02 27.55 -21.16
CA GLU A 88 14.01 26.76 -21.90
C GLU A 88 14.17 27.23 -23.34
N ASP A 89 13.05 27.47 -24.04
CA ASP A 89 13.12 27.93 -25.45
C ASP A 89 13.86 29.25 -25.55
N GLU A 90 13.59 30.19 -24.64
CA GLU A 90 14.21 31.51 -24.66
C GLU A 90 15.69 31.40 -24.34
N PHE A 91 16.02 30.63 -23.30
CA PHE A 91 17.42 30.40 -22.96
C PHE A 91 18.16 29.78 -24.13
N LYS A 92 17.55 28.79 -24.79
CA LYS A 92 18.26 28.11 -25.88
C LYS A 92 18.52 29.05 -27.04
N LYS A 93 17.54 29.90 -27.37
CA LYS A 93 17.73 30.87 -28.45
C LYS A 93 18.82 31.89 -28.12
N ILE A 94 18.78 32.44 -26.89
CA ILE A 94 19.78 33.46 -26.51
C ILE A 94 21.19 32.87 -26.53
N LEU A 95 21.34 31.68 -25.97
CA LEU A 95 22.65 31.09 -25.81
C LEU A 95 23.19 30.63 -27.16
N THR A 96 22.31 30.09 -28.02
CA THR A 96 22.79 29.66 -29.33
C THR A 96 23.32 30.85 -30.11
N SER A 97 22.68 32.01 -29.94
CA SER A 97 23.12 33.20 -30.67
C SER A 97 24.51 33.64 -30.22
N ILE A 98 24.75 33.66 -28.92
CA ILE A 98 26.05 34.08 -28.38
C ILE A 98 27.12 33.07 -28.76
N TYR A 99 26.80 31.77 -28.66
CA TYR A 99 27.70 30.71 -29.11
C TYR A 99 28.12 30.91 -30.56
N ASN A 100 27.15 31.15 -31.44
CA ASN A 100 27.45 31.31 -32.86
C ASN A 100 28.12 32.63 -33.16
N GLU A 101 27.85 33.67 -32.36
CA GLU A 101 28.49 34.97 -32.63
C GLU A 101 29.99 34.91 -32.37
N HIS A 102 30.44 34.03 -31.46
CA HIS A 102 31.84 33.93 -31.10
C HIS A 102 32.46 32.61 -31.58
N LYS A 103 31.96 32.12 -32.72
CA LYS A 103 32.54 30.97 -33.44
C LYS A 103 32.65 29.73 -32.56
N GLY A 104 31.67 29.52 -31.68
CA GLY A 104 31.62 28.31 -30.88
C GLY A 104 32.52 28.29 -29.66
N PHE A 105 33.11 29.42 -29.27
CA PHE A 105 33.94 29.47 -28.05
C PHE A 105 35.09 28.46 -28.13
N LYS A 106 35.75 28.39 -29.27
CA LYS A 106 36.79 27.40 -29.48
C LYS A 106 38.19 27.99 -29.46
N ASN A 107 38.34 29.26 -29.79
CA ASN A 107 39.68 29.85 -29.87
C ASN A 107 39.65 31.35 -29.65
N GLU A 108 38.92 32.10 -30.48
CA GLU A 108 39.07 33.54 -30.47
C GLU A 108 38.46 34.14 -29.19
N GLN A 109 39.00 35.28 -28.78
CA GLN A 109 38.51 35.94 -27.57
C GLN A 109 37.03 36.31 -27.74
N VAL A 110 36.23 36.02 -26.72
CA VAL A 110 34.78 36.23 -26.77
C VAL A 110 34.34 37.49 -26.03
N GLY A 111 35.21 38.13 -25.27
CA GLY A 111 34.79 39.25 -24.44
C GLY A 111 35.84 39.50 -23.38
N ASP A 112 35.49 40.37 -22.42
CA ASP A 112 36.37 40.61 -21.29
C ASP A 112 36.30 39.44 -20.30
N LEU A 113 37.03 39.53 -19.18
CA LEU A 113 37.08 38.38 -18.26
C LEU A 113 35.69 38.03 -17.73
N TYR A 114 34.92 39.04 -17.34
CA TYR A 114 33.59 38.76 -16.78
C TYR A 114 32.70 38.08 -17.82
N PHE A 115 32.59 38.66 -19.02
CA PHE A 115 31.72 38.08 -20.05
C PHE A 115 32.17 36.67 -20.41
N THR A 116 33.48 36.49 -20.62
CA THR A 116 34.01 35.17 -20.95
C THR A 116 33.62 34.16 -19.87
N SER A 117 33.72 34.56 -18.59
CA SER A 117 33.52 33.59 -17.53
C SER A 117 32.05 33.23 -17.45
N LEU A 118 31.19 34.24 -17.53
CA LEU A 118 29.76 34.02 -17.42
C LEU A 118 29.22 33.26 -18.64
N ALA A 119 29.62 33.68 -19.85
CA ALA A 119 29.12 33.00 -21.05
C ALA A 119 29.63 31.56 -21.10
N PHE A 120 30.92 31.34 -20.76
CA PHE A 120 31.46 29.98 -20.73
C PHE A 120 30.68 29.11 -19.78
N ARG A 121 30.40 29.64 -18.59
CA ARG A 121 29.71 28.86 -17.57
C ARG A 121 28.29 28.53 -18.02
N LEU A 122 27.56 29.51 -18.56
CA LEU A 122 26.17 29.23 -18.88
C LEU A 122 26.04 28.37 -20.13
N LEU A 123 26.91 28.58 -21.12
CA LEU A 123 26.90 27.72 -22.30
C LEU A 123 27.22 26.28 -21.94
N ARG A 124 28.28 26.08 -21.16
CA ARG A 124 28.62 24.71 -20.79
C ARG A 124 27.52 24.06 -19.97
N LEU A 125 26.89 24.82 -19.07
CA LEU A 125 25.81 24.26 -18.26
C LEU A 125 24.60 23.90 -19.09
N HIS A 126 24.44 24.50 -20.26
CA HIS A 126 23.29 24.23 -21.11
C HIS A 126 23.65 23.30 -22.26
N GLY A 127 24.79 22.64 -22.19
CA GLY A 127 25.09 21.53 -23.08
C GLY A 127 25.93 21.87 -24.28
N PHE A 128 26.39 23.11 -24.40
CA PHE A 128 27.23 23.53 -25.51
C PHE A 128 28.65 23.05 -25.31
N ASP A 129 29.32 22.80 -26.44
CA ASP A 129 30.71 22.35 -26.47
C ASP A 129 31.59 23.60 -26.51
N VAL A 130 32.16 23.99 -25.36
CA VAL A 130 33.01 25.18 -25.31
C VAL A 130 34.40 24.81 -24.77
N SER A 131 35.40 25.61 -25.13
CA SER A 131 36.79 25.30 -24.79
C SER A 131 37.30 26.24 -23.71
N GLU A 132 38.08 25.70 -22.77
CA GLU A 132 38.76 26.52 -21.78
C GLU A 132 39.77 27.47 -22.41
N ASP A 133 40.11 27.25 -23.69
CA ASP A 133 41.06 28.12 -24.37
C ASP A 133 40.56 29.55 -24.46
N VAL A 134 39.25 29.77 -24.27
CA VAL A 134 38.76 31.13 -24.32
C VAL A 134 39.30 31.95 -23.17
N PHE A 135 39.86 31.31 -22.16
CA PHE A 135 40.47 32.00 -21.04
C PHE A 135 41.95 32.34 -21.26
N ASN A 136 42.56 31.89 -22.36
CA ASN A 136 43.99 32.10 -22.54
C ASN A 136 44.34 33.58 -22.63
N PHE A 137 43.40 34.39 -23.08
CA PHE A 137 43.62 35.82 -23.24
C PHE A 137 43.85 36.55 -21.93
N PHE A 138 43.61 35.90 -20.80
CA PHE A 138 43.67 36.55 -19.49
C PHE A 138 44.85 36.05 -18.67
N LYS A 139 45.75 35.29 -19.28
CA LYS A 139 46.91 34.78 -18.55
C LYS A 139 48.10 35.72 -18.62
N ASN A 140 49.06 35.46 -17.73
CA ASN A 140 50.29 36.21 -17.73
C ASN A 140 51.14 35.77 -18.91
N GLU A 141 52.33 36.36 -19.02
CA GLU A 141 53.13 36.17 -20.23
C GLU A 141 53.54 34.72 -20.41
N ASP A 142 53.93 34.04 -19.34
CA ASP A 142 54.36 32.65 -19.48
C ASP A 142 53.22 31.65 -19.46
N GLY A 143 51.99 32.08 -19.23
CA GLY A 143 50.85 31.19 -19.18
C GLY A 143 50.73 30.39 -17.90
N SER A 144 51.57 30.67 -16.91
CA SER A 144 51.56 29.95 -15.65
C SER A 144 50.42 30.37 -14.73
N ASP A 145 49.85 31.55 -14.95
CA ASP A 145 48.82 32.05 -14.05
C ASP A 145 48.02 33.11 -14.80
N PHE A 146 46.88 33.47 -14.22
CA PHE A 146 46.13 34.60 -14.73
C PHE A 146 46.81 35.92 -14.32
N LYS A 147 46.50 36.99 -15.06
CA LYS A 147 47.11 38.30 -14.81
C LYS A 147 46.71 38.88 -13.46
N ALA A 148 47.72 39.26 -12.66
CA ALA A 148 47.44 39.83 -11.34
C ALA A 148 46.48 41.02 -11.43
N SER A 149 46.63 41.84 -12.47
CA SER A 149 45.82 43.05 -12.61
C SER A 149 44.35 42.73 -12.84
N LEU A 150 44.03 41.51 -13.26
CA LEU A 150 42.63 41.18 -13.44
C LEU A 150 41.92 40.99 -12.11
N GLY A 151 42.67 40.78 -11.04
CA GLY A 151 42.12 40.54 -9.73
C GLY A 151 41.68 41.77 -8.99
N GLU A 152 41.83 42.96 -9.58
CA GLU A 152 41.33 44.15 -8.92
C GLU A 152 39.80 44.10 -8.79
N ASN A 153 39.12 43.62 -9.84
CA ASN A 153 37.67 43.69 -9.93
C ASN A 153 37.07 42.44 -9.30
N THR A 154 36.41 42.61 -8.15
CA THR A 154 35.92 41.46 -7.41
C THR A 154 34.91 40.65 -8.22
N LYS A 155 33.98 41.31 -8.92
CA LYS A 155 32.94 40.55 -9.59
C LYS A 155 33.48 39.79 -10.79
N ASP A 156 34.50 40.33 -11.47
CA ASP A 156 35.17 39.55 -12.51
C ASP A 156 35.80 38.29 -11.94
N VAL A 157 36.52 38.44 -10.81
CA VAL A 157 37.19 37.29 -10.18
C VAL A 157 36.17 36.27 -9.70
N LEU A 158 35.07 36.74 -9.11
CA LEU A 158 34.03 35.82 -8.68
C LEU A 158 33.46 35.01 -9.83
N GLU A 159 33.20 35.63 -11.00
CA GLU A 159 32.66 34.81 -12.08
C GLU A 159 33.68 33.80 -12.58
N LEU A 160 34.95 34.22 -12.66
CA LEU A 160 36.00 33.28 -13.01
C LEU A 160 36.03 32.09 -12.04
N TYR A 161 35.93 32.37 -10.74
CA TYR A 161 35.84 31.33 -9.72
C TYR A 161 34.69 30.38 -10.01
N GLU A 162 33.49 30.91 -10.30
CA GLU A 162 32.34 30.03 -10.51
C GLU A 162 32.55 29.15 -11.74
N ALA A 163 33.10 29.72 -12.82
CA ALA A 163 33.37 28.96 -14.04
C ALA A 163 34.39 27.87 -13.80
N SER A 164 35.35 28.10 -12.91
CA SER A 164 36.44 27.16 -12.78
C SER A 164 35.96 25.80 -12.34
N PHE A 165 34.85 25.76 -11.64
CA PHE A 165 34.40 24.48 -11.12
C PHE A 165 33.65 23.65 -12.15
N LEU A 166 33.51 24.13 -13.39
CA LEU A 166 33.03 23.30 -14.48
C LEU A 166 34.16 22.51 -15.14
N ILE A 167 35.36 22.52 -14.53
CA ILE A 167 36.53 21.79 -15.03
C ILE A 167 36.21 20.33 -15.36
N ARG A 168 36.71 19.89 -16.51
CA ARG A 168 36.61 18.50 -16.90
C ARG A 168 37.99 17.88 -16.92
N VAL A 169 38.04 16.55 -17.05
CA VAL A 169 39.31 15.83 -17.03
C VAL A 169 40.27 16.41 -18.07
N GLY A 170 41.50 16.71 -17.64
CA GLY A 170 42.50 17.28 -18.52
C GLY A 170 42.53 18.79 -18.68
N GLU A 171 41.57 19.54 -18.11
CA GLU A 171 41.45 20.98 -18.34
C GLU A 171 42.25 21.83 -17.35
N VAL A 172 43.54 22.03 -17.66
CA VAL A 172 44.45 22.65 -16.69
C VAL A 172 44.14 24.15 -16.47
N THR A 173 43.65 24.85 -17.48
CA THR A 173 43.47 26.29 -17.34
C THR A 173 42.43 26.60 -16.28
N LEU A 174 41.38 25.78 -16.19
CA LEU A 174 40.36 26.01 -15.17
C LEU A 174 40.86 25.66 -13.77
N GLU A 175 41.84 24.76 -13.64
CA GLU A 175 42.45 24.59 -12.33
C GLU A 175 43.27 25.82 -11.96
N GLN A 176 44.07 26.35 -12.89
CA GLN A 176 44.75 27.62 -12.65
C GLN A 176 43.76 28.71 -12.26
N ALA A 177 42.60 28.74 -12.93
CA ALA A 177 41.60 29.75 -12.61
C ALA A 177 41.08 29.60 -11.18
N ARG A 178 40.79 28.35 -10.77
CA ARG A 178 40.33 28.11 -9.40
C ARG A 178 41.37 28.61 -8.38
N VAL A 179 42.64 28.27 -8.57
CA VAL A 179 43.65 28.63 -7.60
C VAL A 179 43.80 30.14 -7.54
N PHE A 180 43.88 30.76 -8.72
CA PHE A 180 44.06 32.20 -8.80
C PHE A 180 42.89 32.94 -8.14
N SER A 181 41.66 32.55 -8.48
CA SER A 181 40.51 33.32 -8.03
C SER A 181 40.20 33.05 -6.58
N THR A 182 40.43 31.82 -6.10
CA THR A 182 40.19 31.54 -4.68
C THR A 182 41.12 32.38 -3.82
N LYS A 183 42.40 32.44 -4.20
CA LYS A 183 43.36 33.21 -3.40
C LYS A 183 42.92 34.67 -3.30
N ILE A 184 42.46 35.23 -4.41
CA ILE A 184 42.10 36.64 -4.47
C ILE A 184 40.86 36.91 -3.64
N LEU A 185 39.81 36.07 -3.82
CA LEU A 185 38.57 36.27 -3.08
C LEU A 185 38.81 36.10 -1.58
N GLU A 186 39.61 35.11 -1.19
CA GLU A 186 39.94 34.97 0.23
C GLU A 186 40.63 36.22 0.74
N LYS A 187 41.52 36.79 -0.06
CA LYS A 187 42.23 37.98 0.40
C LYS A 187 41.26 39.15 0.56
N LYS A 188 40.30 39.29 -0.36
CA LYS A 188 39.38 40.41 -0.28
C LYS A 188 38.46 40.31 0.93
N VAL A 189 37.93 39.13 1.21
CA VAL A 189 37.21 38.94 2.46
C VAL A 189 38.09 39.33 3.64
N GLU A 190 39.34 38.86 3.62
CA GLU A 190 40.27 39.16 4.71
C GLU A 190 40.43 40.67 4.89
N GLU A 191 40.65 41.40 3.80
CA GLU A 191 40.85 42.85 3.88
C GLU A 191 39.57 43.61 4.24
N GLY A 192 38.42 42.95 4.23
CA GLY A 192 37.17 43.64 4.45
C GLY A 192 36.50 44.09 3.15
N ILE A 193 35.27 43.61 2.95
CA ILE A 193 34.43 44.02 1.83
C ILE A 193 33.29 44.85 2.42
N LYS A 194 33.21 46.12 2.01
CA LYS A 194 32.24 47.01 2.64
C LYS A 194 30.82 46.70 2.18
N ASP A 195 30.65 46.27 0.93
CA ASP A 195 29.33 45.84 0.46
C ASP A 195 28.95 44.54 1.17
N GLU A 196 28.07 44.62 2.17
CA GLU A 196 27.73 43.44 2.95
C GLU A 196 26.98 42.39 2.15
N LYS A 197 26.16 42.82 1.17
CA LYS A 197 25.44 41.83 0.35
C LYS A 197 26.41 41.06 -0.53
N LEU A 198 27.38 41.76 -1.13
CA LEU A 198 28.37 41.06 -1.94
C LEU A 198 29.25 40.18 -1.06
N LEU A 199 29.59 40.66 0.14
CA LEU A 199 30.39 39.84 1.05
C LEU A 199 29.68 38.54 1.35
N ALA A 200 28.38 38.62 1.63
CA ALA A 200 27.64 37.43 2.00
C ALA A 200 27.59 36.47 0.83
N TRP A 201 27.42 37.00 -0.38
CA TRP A 201 27.38 36.16 -1.56
C TRP A 201 28.73 35.47 -1.77
N ILE A 202 29.83 36.21 -1.57
CA ILE A 202 31.15 35.63 -1.77
C ILE A 202 31.45 34.57 -0.72
N GLN A 203 31.14 34.85 0.55
CA GLN A 203 31.36 33.82 1.57
C GLN A 203 30.56 32.57 1.26
N HIS A 204 29.37 32.74 0.66
CA HIS A 204 28.55 31.60 0.27
C HIS A 204 29.26 30.78 -0.82
N SER A 205 29.79 31.47 -1.84
CA SER A 205 30.43 30.72 -2.92
C SER A 205 31.78 30.15 -2.48
N LEU A 206 32.49 30.83 -1.59
CA LEU A 206 33.75 30.28 -1.09
C LEU A 206 33.53 29.01 -0.30
N ALA A 207 32.40 28.91 0.41
CA ALA A 207 32.11 27.69 1.16
C ALA A 207 31.79 26.54 0.22
N LEU A 208 30.96 26.78 -0.79
CA LEU A 208 30.67 25.86 -1.85
C LEU A 208 30.35 26.72 -3.07
N PRO A 209 30.98 26.45 -4.21
CA PRO A 209 30.64 27.18 -5.43
C PRO A 209 29.25 26.82 -5.92
N LEU A 210 28.69 27.70 -6.76
CA LEU A 210 27.32 27.43 -7.22
C LEU A 210 27.19 26.07 -7.90
N HIS A 211 28.23 25.63 -8.61
CA HIS A 211 28.12 24.32 -9.27
C HIS A 211 27.99 23.19 -8.25
N TRP A 212 28.32 23.45 -6.98
CA TRP A 212 28.30 22.45 -5.93
C TRP A 212 27.07 22.59 -5.03
N ARG A 213 26.13 23.45 -5.41
CA ARG A 213 24.93 23.71 -4.64
C ARG A 213 23.69 23.43 -5.45
N ILE A 214 22.59 23.23 -4.74
CA ILE A 214 21.29 22.93 -5.33
C ILE A 214 20.37 24.12 -5.08
N GLN A 215 19.80 24.65 -6.15
CA GLN A 215 18.93 25.81 -6.04
C GLN A 215 17.73 25.55 -5.12
N ARG A 216 17.11 24.38 -5.24
CA ARG A 216 15.90 24.11 -4.44
C ARG A 216 16.22 24.10 -2.95
N LEU A 217 17.34 23.48 -2.54
CA LEU A 217 17.66 23.42 -1.11
C LEU A 217 17.83 24.80 -0.53
N GLU A 218 18.25 25.74 -1.35
CA GLU A 218 18.63 27.08 -0.91
C GLU A 218 17.67 28.12 -1.47
N ALA A 219 16.45 27.71 -1.81
CA ALA A 219 15.58 28.57 -2.59
C ALA A 219 15.20 29.81 -1.82
N ARG A 220 15.11 29.71 -0.50
CA ARG A 220 14.84 30.91 0.30
C ARG A 220 16.01 31.88 0.27
N TRP A 221 17.24 31.35 0.41
CA TRP A 221 18.43 32.20 0.39
C TRP A 221 18.56 32.94 -0.94
N PHE A 222 18.34 32.23 -2.05
CA PHE A 222 18.47 32.85 -3.36
C PHE A 222 17.40 33.92 -3.59
N LEU A 223 16.15 33.64 -3.16
CA LEU A 223 15.08 34.64 -3.26
C LEU A 223 15.39 35.85 -2.41
N ASP A 224 15.83 35.63 -1.17
CA ASP A 224 16.20 36.76 -0.32
C ASP A 224 17.36 37.55 -0.93
N ALA A 225 18.37 36.86 -1.47
CA ALA A 225 19.50 37.59 -2.05
C ALA A 225 19.04 38.43 -3.23
N TYR A 226 18.15 37.88 -4.05
CA TYR A 226 17.68 38.60 -5.22
C TYR A 226 16.88 39.83 -4.82
N LYS A 227 15.92 39.65 -3.89
CA LYS A 227 15.10 40.78 -3.46
C LYS A 227 15.93 41.96 -2.95
N ALA A 228 17.06 41.67 -2.31
CA ALA A 228 17.92 42.70 -1.70
C ALA A 228 18.71 43.49 -2.72
N ARG A 229 18.80 43.02 -3.97
CA ARG A 229 19.58 43.74 -4.96
C ARG A 229 18.83 44.96 -5.47
N LYS A 230 19.50 46.10 -5.51
CA LYS A 230 18.83 47.29 -6.00
C LYS A 230 18.40 47.14 -7.46
N ASP A 231 19.13 46.34 -8.25
CA ASP A 231 18.81 46.18 -9.66
C ASP A 231 17.83 45.03 -9.92
N MET A 232 17.27 44.45 -8.88
CA MET A 232 16.39 43.30 -9.09
C MET A 232 15.10 43.73 -9.77
N ASN A 233 14.53 42.80 -10.54
CA ASN A 233 13.31 43.05 -11.30
C ASN A 233 12.12 42.55 -10.49
N PRO A 234 11.20 43.42 -10.11
CA PRO A 234 10.12 42.98 -9.22
C PRO A 234 9.23 41.91 -9.83
N ILE A 235 9.05 41.90 -11.15
CA ILE A 235 8.23 40.85 -11.77
C ILE A 235 8.91 39.50 -11.62
N ILE A 236 10.23 39.48 -11.78
CA ILE A 236 10.96 38.25 -11.60
C ILE A 236 10.93 37.80 -10.14
N TYR A 237 11.04 38.76 -9.20
CA TYR A 237 10.94 38.40 -7.78
C TYR A 237 9.56 37.80 -7.47
N GLU A 238 8.50 38.42 -8.00
CA GLU A 238 7.15 37.96 -7.76
C GLU A 238 6.96 36.55 -8.31
N LEU A 239 7.51 36.28 -9.49
CA LEU A 239 7.42 34.94 -10.04
C LEU A 239 8.19 33.93 -9.19
N GLY A 240 9.40 34.27 -8.77
CA GLY A 240 10.13 33.36 -7.91
C GLY A 240 9.42 33.10 -6.59
N LYS A 241 8.73 34.11 -6.04
CA LYS A 241 8.01 33.95 -4.79
C LYS A 241 6.81 33.04 -4.95
N ILE A 242 6.00 33.27 -5.98
CA ILE A 242 4.83 32.41 -6.13
C ILE A 242 5.26 30.99 -6.49
N ASP A 243 6.35 30.83 -7.26
CA ASP A 243 6.86 29.49 -7.53
C ASP A 243 7.34 28.83 -6.24
N PHE A 244 8.04 29.57 -5.37
CA PHE A 244 8.38 29.02 -4.05
C PHE A 244 7.13 28.53 -3.33
N HIS A 245 6.09 29.37 -3.28
CA HIS A 245 4.87 29.01 -2.55
C HIS A 245 4.26 27.73 -3.06
N ILE A 246 4.14 27.58 -4.37
CA ILE A 246 3.49 26.40 -4.94
C ILE A 246 4.38 25.18 -4.81
N ILE A 247 5.69 25.34 -5.06
CA ILE A 247 6.60 24.20 -4.89
C ILE A 247 6.58 23.75 -3.44
N GLN A 248 6.64 24.70 -2.51
CA GLN A 248 6.69 24.33 -1.10
C GLN A 248 5.47 23.54 -0.74
N GLU A 249 4.31 23.95 -1.22
CA GLU A 249 3.10 23.22 -0.85
C GLU A 249 3.04 21.85 -1.52
N THR A 250 3.51 21.76 -2.76
CA THR A 250 3.60 20.45 -3.41
C THR A 250 4.49 19.53 -2.61
N GLN A 251 5.66 20.03 -2.19
CA GLN A 251 6.57 19.16 -1.44
C GLN A 251 6.01 18.87 -0.03
N LEU A 252 5.25 19.79 0.55
CA LEU A 252 4.61 19.53 1.84
C LEU A 252 3.65 18.35 1.71
N GLN A 253 2.87 18.33 0.65
CA GLN A 253 1.97 17.19 0.45
C GLN A 253 2.76 15.89 0.29
N GLU A 254 3.89 15.94 -0.40
CA GLU A 254 4.74 14.75 -0.57
C GLU A 254 5.27 14.26 0.77
N VAL A 255 5.77 15.17 1.62
CA VAL A 255 6.35 14.69 2.85
C VAL A 255 5.24 14.20 3.80
N GLN A 256 4.03 14.76 3.68
CA GLN A 256 2.90 14.22 4.44
C GLN A 256 2.60 12.79 4.01
N GLU A 257 2.70 12.53 2.72
CA GLU A 257 2.40 11.19 2.21
C GLU A 257 3.48 10.22 2.63
N VAL A 258 4.75 10.64 2.57
CA VAL A 258 5.82 9.75 3.00
C VAL A 258 5.77 9.57 4.49
N SER A 259 5.41 10.61 5.22
CA SER A 259 5.35 10.46 6.66
C SER A 259 4.22 9.51 7.06
N GLN A 260 3.06 9.63 6.39
CA GLN A 260 2.00 8.71 6.75
C GLN A 260 2.39 7.29 6.39
N TRP A 261 3.05 7.11 5.24
CA TRP A 261 3.52 5.78 4.84
C TRP A 261 4.39 5.21 5.95
N TRP A 262 5.35 6.01 6.41
CA TRP A 262 6.28 5.55 7.45
C TRP A 262 5.56 5.21 8.74
N THR A 263 4.68 6.11 9.21
CA THR A 263 3.91 5.84 10.40
C THR A 263 3.13 4.53 10.28
N ASN A 264 2.55 4.28 9.10
CA ASN A 264 1.74 3.08 8.89
C ASN A 264 2.57 1.79 8.93
N THR A 265 3.87 1.84 8.54
CA THR A 265 4.70 0.65 8.66
C THR A 265 4.96 0.28 10.10
N ASN A 266 4.88 1.26 10.99
N ASN A 266 4.86 1.24 11.01
CA ASN A 266 5.24 1.11 12.40
CA ASN A 266 5.21 1.04 12.40
C ASN A 266 6.67 0.63 12.57
C ASN A 266 6.66 0.59 12.56
N LEU A 267 7.51 0.83 11.56
CA LEU A 267 8.89 0.39 11.65
C LEU A 267 9.61 1.03 12.83
N ALA A 268 9.30 2.29 13.13
CA ALA A 268 10.02 2.97 14.21
C ALA A 268 9.73 2.31 15.55
N GLU A 269 8.53 1.75 15.70
CA GLU A 269 8.20 1.04 16.92
C GLU A 269 8.72 -0.39 16.89
N LYS A 270 8.63 -1.07 15.74
CA LYS A 270 9.01 -2.48 15.68
C LYS A 270 10.52 -2.67 15.70
N LEU A 271 11.26 -1.68 15.22
CA LEU A 271 12.72 -1.70 15.21
C LEU A 271 13.21 -0.59 16.14
N PRO A 272 13.35 -0.89 17.42
CA PRO A 272 13.58 0.20 18.39
C PRO A 272 14.90 0.90 18.20
N PHE A 273 15.82 0.29 17.46
CA PHE A 273 17.15 0.85 17.21
C PHE A 273 17.20 1.80 16.04
N VAL A 274 16.14 1.93 15.26
CA VAL A 274 16.16 2.90 14.16
C VAL A 274 15.72 4.25 14.71
N ARG A 275 16.19 5.32 14.09
CA ARG A 275 15.75 6.62 14.53
C ARG A 275 14.57 7.07 13.68
N ASP A 276 13.70 7.85 14.28
CA ASP A 276 12.49 8.29 13.61
C ASP A 276 12.83 9.61 12.92
N ARG A 277 13.28 9.55 11.67
CA ARG A 277 13.82 10.73 10.98
C ARG A 277 13.27 10.88 9.55
N ILE A 278 11.94 10.76 9.40
CA ILE A 278 11.44 10.68 8.03
C ILE A 278 11.62 12.01 7.30
N VAL A 279 11.56 13.14 8.02
CA VAL A 279 11.73 14.44 7.36
C VAL A 279 13.13 14.55 6.77
N GLU A 280 14.13 14.08 7.53
CA GLU A 280 15.52 14.06 7.05
C GLU A 280 15.65 13.25 5.78
N CYS A 281 15.01 12.07 5.72
CA CYS A 281 15.05 11.26 4.50
C CYS A 281 14.41 11.99 3.33
N TYR A 282 13.28 12.66 3.59
CA TYR A 282 12.65 13.42 2.50
C TYR A 282 13.53 14.62 2.10
N PHE A 283 14.22 15.26 3.05
CA PHE A 283 15.11 16.38 2.71
C PHE A 283 16.21 15.93 1.77
N TRP A 284 16.75 14.72 1.95
CA TRP A 284 17.74 14.21 1.01
C TRP A 284 17.15 14.03 -0.38
N ALA A 285 15.85 13.78 -0.50
CA ALA A 285 15.22 13.56 -1.79
C ALA A 285 14.80 14.85 -2.47
N LEU A 286 14.45 15.87 -1.69
CA LEU A 286 13.60 16.90 -2.28
C LEU A 286 14.35 17.81 -3.24
N GLY A 287 15.66 17.81 -3.19
CA GLY A 287 16.47 18.62 -4.10
C GLY A 287 17.07 17.81 -5.23
N LEU A 288 16.73 16.55 -5.37
CA LEU A 288 17.41 15.70 -6.34
C LEU A 288 16.94 15.97 -7.75
N PHE A 289 15.66 16.31 -7.94
CA PHE A 289 15.08 16.35 -9.28
C PHE A 289 14.70 17.78 -9.65
N GLU A 290 14.44 18.00 -10.94
CA GLU A 290 13.79 19.25 -11.33
C GLU A 290 12.54 19.45 -10.47
N PRO A 291 12.39 20.57 -9.78
CA PRO A 291 11.34 20.63 -8.74
C PRO A 291 9.92 20.82 -9.24
N HIS A 292 9.70 21.12 -10.52
CA HIS A 292 8.34 21.35 -10.99
C HIS A 292 7.61 20.08 -11.40
N GLU A 293 8.31 18.96 -11.51
CA GLU A 293 7.71 17.66 -11.82
C GLU A 293 8.36 16.67 -10.86
N TYR A 294 8.38 15.37 -11.22
CA TYR A 294 9.17 14.34 -10.48
C TYR A 294 8.66 14.09 -9.06
N GLY A 295 7.36 14.30 -8.84
CA GLY A 295 6.79 14.02 -7.52
C GLY A 295 6.93 12.56 -7.11
N TYR A 296 6.62 11.63 -8.03
CA TYR A 296 6.78 10.21 -7.73
C TYR A 296 8.21 9.87 -7.37
N GLN A 297 9.16 10.42 -8.15
CA GLN A 297 10.58 10.13 -7.94
C GLN A 297 11.09 10.70 -6.63
N ARG A 298 10.64 11.92 -6.22
CA ARG A 298 11.04 12.41 -4.90
C ARG A 298 10.53 11.51 -3.78
N LYS A 299 9.28 11.07 -3.88
CA LYS A 299 8.76 10.24 -2.80
C LYS A 299 9.48 8.90 -2.79
N MET A 300 9.71 8.32 -3.97
CA MET A 300 10.42 7.05 -4.05
C MET A 300 11.82 7.17 -3.49
N ALA A 301 12.55 8.22 -3.89
CA ALA A 301 13.89 8.38 -3.33
C ALA A 301 13.85 8.47 -1.82
N ALA A 302 12.87 9.22 -1.26
CA ALA A 302 12.78 9.33 0.19
C ALA A 302 12.57 7.97 0.83
N ILE A 303 11.72 7.14 0.21
CA ILE A 303 11.46 5.79 0.77
C ILE A 303 12.71 4.91 0.62
N ILE A 304 13.38 4.98 -0.53
CA ILE A 304 14.60 4.19 -0.70
C ILE A 304 15.63 4.58 0.34
N ILE A 305 15.81 5.91 0.53
CA ILE A 305 16.76 6.42 1.52
C ILE A 305 16.38 5.95 2.92
N THR A 306 15.06 5.88 3.22
CA THR A 306 14.61 5.33 4.49
C THR A 306 15.08 3.88 4.67
N PHE A 307 14.92 3.06 3.65
CA PHE A 307 15.34 1.66 3.71
C PHE A 307 16.86 1.53 3.74
N VAL A 308 17.59 2.32 2.96
CA VAL A 308 19.04 2.32 3.12
C VAL A 308 19.41 2.55 4.57
N THR A 309 18.77 3.53 5.21
CA THR A 309 19.12 3.88 6.57
C THR A 309 18.78 2.76 7.53
N ILE A 310 17.57 2.18 7.43
CA ILE A 310 17.27 1.17 8.42
C ILE A 310 18.05 -0.11 8.18
N ILE A 311 18.36 -0.46 6.92
CA ILE A 311 19.20 -1.64 6.67
C ILE A 311 20.62 -1.39 7.21
N ASP A 312 21.14 -0.18 7.04
CA ASP A 312 22.43 0.12 7.64
C ASP A 312 22.35 0.01 9.15
N ASP A 313 21.25 0.47 9.75
CA ASP A 313 21.05 0.32 11.19
C ASP A 313 21.06 -1.16 11.61
N VAL A 314 20.45 -2.03 10.80
CA VAL A 314 20.48 -3.48 11.09
C VAL A 314 21.92 -4.00 11.11
N TYR A 315 22.73 -3.61 10.13
CA TYR A 315 24.12 -4.08 10.09
C TYR A 315 24.90 -3.51 11.26
N ASP A 316 24.55 -2.30 11.75
CA ASP A 316 25.22 -1.73 12.90
C ASP A 316 24.80 -2.36 14.22
N VAL A 317 23.54 -2.80 14.36
CA VAL A 317 23.01 -3.16 15.68
C VAL A 317 23.29 -4.61 16.03
N TYR A 318 23.44 -5.50 15.05
CA TYR A 318 23.71 -6.89 15.37
C TYR A 318 25.17 -7.04 15.80
N ASP A 319 25.44 -8.08 16.58
CA ASP A 319 26.77 -8.20 17.19
C ASP A 319 27.49 -9.47 16.77
N THR A 320 27.00 -10.15 15.72
CA THR A 320 27.74 -11.28 15.16
C THR A 320 27.76 -11.19 13.65
N LEU A 321 28.92 -11.51 13.08
CA LEU A 321 29.00 -11.57 11.62
C LEU A 321 28.08 -12.64 11.06
N ASP A 322 27.93 -13.76 11.76
CA ASP A 322 27.08 -14.84 11.24
C ASP A 322 25.63 -14.38 11.05
N GLU A 323 25.11 -13.55 11.96
CA GLU A 323 23.74 -13.06 11.76
C GLU A 323 23.66 -12.12 10.58
N LEU A 324 24.68 -11.24 10.42
CA LEU A 324 24.70 -10.39 9.23
C LEU A 324 24.86 -11.20 7.94
N GLN A 325 25.61 -12.29 7.97
CA GLN A 325 25.66 -13.13 6.78
C GLN A 325 24.29 -13.68 6.43
N LEU A 326 23.50 -14.05 7.42
CA LEU A 326 22.14 -14.56 7.15
C LEU A 326 21.28 -13.49 6.46
N PHE A 327 21.35 -12.26 6.93
CA PHE A 327 20.62 -11.18 6.28
C PHE A 327 21.10 -10.97 4.83
N THR A 328 22.42 -10.86 4.64
CA THR A 328 22.95 -10.70 3.28
C THR A 328 22.47 -11.82 2.36
N ASP A 329 22.53 -13.07 2.85
CA ASP A 329 22.08 -14.21 2.06
C ASP A 329 20.60 -14.10 1.72
N ALA A 330 19.78 -13.60 2.67
CA ALA A 330 18.35 -13.42 2.41
C ALA A 330 18.14 -12.45 1.27
N ILE A 331 18.91 -11.36 1.25
CA ILE A 331 18.74 -10.38 0.20
C ILE A 331 19.20 -10.98 -1.12
N ARG A 332 20.29 -11.77 -1.07
CA ARG A 332 20.79 -12.41 -2.28
C ARG A 332 19.77 -13.38 -2.86
N LYS A 333 19.09 -14.14 -2.00
CA LYS A 333 18.08 -15.09 -2.47
C LYS A 333 16.80 -14.43 -2.91
N TRP A 334 16.46 -13.32 -2.25
CA TRP A 334 15.28 -12.52 -2.55
C TRP A 334 14.05 -13.39 -2.76
N ASP A 335 13.77 -14.20 -1.75
CA ASP A 335 12.61 -15.08 -1.82
C ASP A 335 11.84 -15.00 -0.51
N VAL A 336 10.65 -15.62 -0.52
CA VAL A 336 9.88 -15.56 0.73
C VAL A 336 10.40 -16.55 1.76
N GLU A 337 10.99 -17.67 1.31
CA GLU A 337 11.49 -18.68 2.21
C GLU A 337 12.58 -18.14 3.13
N SER A 338 13.37 -17.18 2.67
CA SER A 338 14.44 -16.68 3.51
C SER A 338 13.93 -16.01 4.78
N ILE A 339 12.67 -15.58 4.82
CA ILE A 339 12.19 -14.90 6.03
C ILE A 339 12.35 -15.83 7.22
N SER A 340 12.09 -17.13 7.02
CA SER A 340 12.11 -18.09 8.11
C SER A 340 13.51 -18.32 8.68
N THR A 341 14.57 -17.87 8.00
CA THR A 341 15.93 -18.05 8.48
C THR A 341 16.38 -16.92 9.39
N LEU A 342 15.57 -15.87 9.56
CA LEU A 342 16.02 -14.65 10.19
C LEU A 342 15.39 -14.45 11.54
N PRO A 343 16.09 -13.82 12.47
CA PRO A 343 15.47 -13.37 13.73
C PRO A 343 14.43 -12.27 13.48
N TYR A 344 13.57 -12.03 14.47
CA TYR A 344 12.37 -11.22 14.23
C TYR A 344 12.71 -9.82 13.69
N TYR A 345 13.66 -9.10 14.30
CA TYR A 345 13.94 -7.75 13.77
C TYR A 345 14.34 -7.81 12.31
N MET A 346 15.17 -8.79 11.94
CA MET A 346 15.57 -8.92 10.54
C MET A 346 14.39 -9.37 9.67
N GLN A 347 13.50 -10.20 10.21
CA GLN A 347 12.29 -10.54 9.43
C GLN A 347 11.49 -9.30 9.09
N VAL A 348 11.28 -8.44 10.09
CA VAL A 348 10.57 -7.17 9.89
C VAL A 348 11.26 -6.30 8.83
N CYS A 349 12.57 -6.08 8.96
CA CYS A 349 13.29 -5.24 7.98
C CYS A 349 13.25 -5.84 6.58
N TYR A 350 13.56 -7.15 6.48
CA TYR A 350 13.63 -7.80 5.17
C TYR A 350 12.26 -7.75 4.51
N LEU A 351 11.22 -8.14 5.24
CA LEU A 351 9.92 -8.19 4.60
C LEU A 351 9.45 -6.79 4.24
N ALA A 352 9.79 -5.78 5.04
CA ALA A 352 9.41 -4.42 4.67
C ALA A 352 10.05 -4.00 3.35
N VAL A 353 11.35 -4.26 3.17
CA VAL A 353 11.98 -3.79 1.94
C VAL A 353 11.58 -4.69 0.80
N PHE A 354 11.38 -6.00 1.06
CA PHE A 354 10.90 -6.90 0.02
C PHE A 354 9.52 -6.46 -0.46
N THR A 355 8.64 -6.08 0.47
CA THR A 355 7.30 -5.61 0.11
C THR A 355 7.36 -4.30 -0.67
N TYR A 356 8.22 -3.35 -0.24
CA TYR A 356 8.32 -2.07 -0.95
C TYR A 356 8.82 -2.31 -2.38
N ALA A 357 9.85 -3.17 -2.55
CA ALA A 357 10.32 -3.46 -3.90
C ALA A 357 9.24 -4.05 -4.78
N SER A 358 8.38 -4.91 -4.24
N SER A 358 8.40 -4.92 -4.22
CA SER A 358 7.30 -5.45 -5.05
CA SER A 358 7.26 -5.47 -4.97
C SER A 358 6.28 -4.37 -5.39
C SER A 358 6.32 -4.37 -5.38
N GLU A 359 5.97 -3.50 -4.44
CA GLU A 359 5.10 -2.35 -4.74
C GLU A 359 5.67 -1.44 -5.82
N LEU A 360 6.97 -1.15 -5.74
CA LEU A 360 7.61 -0.30 -6.74
C LEU A 360 7.63 -1.00 -8.08
N ALA A 361 7.95 -2.29 -8.09
CA ALA A 361 7.93 -3.04 -9.34
C ALA A 361 6.53 -3.04 -9.93
N TYR A 362 5.51 -3.16 -9.07
CA TYR A 362 4.14 -3.13 -9.59
C TYR A 362 3.86 -1.79 -10.28
N ASP A 363 4.28 -0.68 -9.67
CA ASP A 363 4.04 0.62 -10.30
C ASP A 363 4.75 0.71 -11.63
N ILE A 364 5.99 0.19 -11.69
CA ILE A 364 6.75 0.25 -12.96
C ILE A 364 6.09 -0.63 -14.02
N LEU A 365 5.64 -1.84 -13.63
CA LEU A 365 4.98 -2.73 -14.56
C LEU A 365 3.70 -2.09 -15.10
N LYS A 366 2.95 -1.41 -14.23
CA LYS A 366 1.67 -0.84 -14.66
C LYS A 366 1.88 0.38 -15.56
N ASP A 367 2.85 1.23 -15.24
CA ASP A 367 2.97 2.52 -15.89
C ASP A 367 3.97 2.52 -17.02
N GLN A 368 5.05 1.75 -16.90
CA GLN A 368 6.06 1.66 -17.96
C GLN A 368 6.00 0.34 -18.73
N GLY A 369 5.24 -0.65 -18.26
CA GLY A 369 5.10 -1.85 -19.05
C GLY A 369 6.21 -2.86 -18.83
N PHE A 370 7.12 -2.58 -17.92
CA PHE A 370 8.39 -3.31 -17.83
C PHE A 370 8.47 -4.09 -16.52
N ASN A 371 8.97 -5.33 -16.58
CA ASN A 371 9.22 -6.19 -15.41
C ASN A 371 10.62 -5.89 -14.86
N SER A 372 10.69 -5.13 -13.78
CA SER A 372 11.97 -4.62 -13.26
C SER A 372 12.46 -5.33 -12.00
N ILE A 373 11.72 -6.33 -11.48
CA ILE A 373 12.00 -6.72 -10.10
C ILE A 373 13.40 -7.35 -9.96
N SER A 374 13.90 -8.01 -11.01
N SER A 374 13.89 -8.04 -10.99
CA SER A 374 15.21 -8.64 -10.89
CA SER A 374 15.23 -8.62 -10.88
C SER A 374 16.33 -7.60 -10.94
C SER A 374 16.27 -7.51 -10.72
N TYR A 375 16.04 -6.38 -11.39
CA TYR A 375 16.99 -5.27 -11.27
C TYR A 375 16.87 -4.58 -9.91
N LEU A 376 15.63 -4.37 -9.42
CA LEU A 376 15.51 -3.81 -8.10
C LEU A 376 16.23 -4.68 -7.07
N GLN A 377 16.09 -6.01 -7.19
CA GLN A 377 16.80 -6.91 -6.25
C GLN A 377 18.31 -6.68 -6.30
N ARG A 378 18.85 -6.48 -7.50
CA ARG A 378 20.29 -6.26 -7.65
C ARG A 378 20.72 -4.95 -7.00
N SER A 379 19.89 -3.90 -7.11
CA SER A 379 20.16 -2.63 -6.41
C SER A 379 20.30 -2.83 -4.91
N TRP A 380 19.41 -3.62 -4.31
CA TRP A 380 19.53 -3.82 -2.88
C TRP A 380 20.72 -4.73 -2.56
N LEU A 381 20.98 -5.73 -3.40
CA LEU A 381 22.07 -6.67 -3.08
C LEU A 381 23.41 -5.95 -3.08
N SER A 382 23.60 -5.01 -3.99
N SER A 382 23.61 -5.03 -4.01
CA SER A 382 24.91 -4.36 -4.00
CA SER A 382 24.88 -4.31 -4.03
C SER A 382 25.12 -3.51 -2.77
C SER A 382 25.09 -3.57 -2.73
N LEU A 383 24.03 -2.90 -2.26
CA LEU A 383 24.10 -2.16 -1.01
C LEU A 383 24.50 -3.05 0.16
N VAL A 384 23.77 -4.15 0.34
CA VAL A 384 24.05 -4.93 1.55
C VAL A 384 25.35 -5.70 1.41
N GLU A 385 25.80 -6.00 0.21
CA GLU A 385 27.15 -6.57 0.10
C GLU A 385 28.21 -5.56 0.52
N GLY A 386 27.95 -4.28 0.26
CA GLY A 386 28.82 -3.23 0.78
C GLY A 386 28.76 -3.16 2.30
N PHE A 387 27.56 -3.19 2.87
CA PHE A 387 27.51 -3.19 4.34
C PHE A 387 28.20 -4.43 4.91
N PHE A 388 27.98 -5.60 4.29
CA PHE A 388 28.56 -6.82 4.84
C PHE A 388 30.08 -6.77 4.79
N GLN A 389 30.65 -6.19 3.72
CA GLN A 389 32.10 -6.05 3.63
C GLN A 389 32.65 -5.17 4.74
N GLU A 390 31.98 -4.03 5.02
CA GLU A 390 32.35 -3.20 6.16
C GLU A 390 32.32 -4.00 7.46
N ALA A 391 31.27 -4.82 7.65
CA ALA A 391 31.20 -5.61 8.88
C ALA A 391 32.32 -6.65 8.93
N LYS A 392 32.63 -7.27 7.79
CA LYS A 392 33.75 -8.22 7.76
C LYS A 392 35.02 -7.53 8.22
N TRP A 393 35.26 -6.31 7.77
CA TRP A 393 36.45 -5.61 8.22
C TRP A 393 36.40 -5.39 9.72
N TYR A 394 35.25 -4.93 10.21
CA TYR A 394 35.10 -4.67 11.63
C TYR A 394 35.33 -5.92 12.47
N TYR A 395 34.63 -7.02 12.14
CA TYR A 395 34.74 -8.20 12.98
C TYR A 395 36.11 -8.84 12.88
N ALA A 396 36.83 -8.62 11.77
CA ALA A 396 38.20 -9.11 11.65
C ALA A 396 39.24 -8.23 12.33
N GLY A 397 38.88 -7.01 12.71
CA GLY A 397 39.89 -6.09 13.20
C GLY A 397 40.79 -5.57 12.11
N TYR A 398 40.26 -5.40 10.90
CA TYR A 398 41.00 -4.93 9.76
C TYR A 398 40.62 -3.49 9.46
N THR A 399 41.63 -2.63 9.30
CA THR A 399 41.43 -1.26 8.86
C THR A 399 41.75 -1.19 7.38
N PRO A 400 40.81 -0.81 6.53
CA PRO A 400 41.07 -0.76 5.09
C PRO A 400 42.05 0.35 4.73
N THR A 401 42.77 0.15 3.63
CA THR A 401 43.50 1.26 3.04
C THR A 401 42.49 2.29 2.53
N LEU A 402 42.96 3.49 2.22
CA LEU A 402 42.04 4.50 1.68
C LEU A 402 41.42 4.02 0.37
N ALA A 403 42.23 3.40 -0.50
CA ALA A 403 41.72 2.88 -1.76
C ALA A 403 40.63 1.83 -1.52
N GLU A 404 40.84 0.93 -0.56
CA GLU A 404 39.81 -0.08 -0.30
C GLU A 404 38.59 0.55 0.32
N TYR A 405 38.80 1.50 1.22
CA TYR A 405 37.70 2.23 1.85
C TYR A 405 36.81 2.85 0.77
N LEU A 406 37.42 3.60 -0.15
CA LEU A 406 36.62 4.30 -1.15
C LEU A 406 35.98 3.33 -2.14
N GLU A 407 36.66 2.22 -2.46
CA GLU A 407 36.06 1.28 -3.39
C GLU A 407 34.80 0.67 -2.78
N ASN A 408 34.83 0.42 -1.48
CA ASN A 408 33.63 -0.06 -0.81
C ASN A 408 32.58 1.03 -0.70
N ALA A 409 33.01 2.25 -0.35
CA ALA A 409 32.08 3.25 0.15
C ALA A 409 31.24 3.80 -0.97
N LYS A 410 31.72 3.67 -2.20
CA LYS A 410 30.91 4.16 -3.29
C LYS A 410 29.76 3.22 -3.64
N VAL A 411 29.76 1.98 -3.13
CA VAL A 411 28.64 1.04 -3.24
C VAL A 411 27.87 0.87 -1.92
N SER A 412 28.46 1.24 -0.78
N SER A 412 28.46 1.27 -0.79
CA SER A 412 27.72 1.24 0.48
CA SER A 412 27.80 1.25 0.51
C SER A 412 26.97 2.55 0.72
C SER A 412 27.22 2.59 0.92
N ILE A 413 27.42 3.66 0.14
CA ILE A 413 26.82 4.95 0.51
C ILE A 413 25.40 5.12 -0.07
N SER A 414 25.06 4.37 -1.13
CA SER A 414 23.71 4.15 -1.65
C SER A 414 23.30 4.95 -2.90
N SER A 415 24.15 5.81 -3.44
CA SER A 415 23.73 6.46 -4.69
C SER A 415 23.40 5.45 -5.79
N PRO A 416 24.18 4.38 -6.01
CA PRO A 416 23.81 3.46 -7.08
C PRO A 416 22.45 2.80 -6.81
N THR A 417 22.21 2.47 -5.55
CA THR A 417 20.93 1.85 -5.19
C THR A 417 19.75 2.78 -5.46
N ILE A 418 19.89 4.09 -5.20
CA ILE A 418 18.80 5.02 -5.49
C ILE A 418 18.64 5.20 -7.01
N ILE A 419 19.70 5.67 -7.67
CA ILE A 419 19.55 6.07 -9.06
C ILE A 419 19.18 4.87 -9.95
N SER A 420 19.76 3.70 -9.68
CA SER A 420 19.47 2.56 -10.57
C SER A 420 17.99 2.15 -10.47
N GLN A 421 17.32 2.40 -9.34
CA GLN A 421 15.89 2.08 -9.26
C GLN A 421 15.04 3.17 -9.90
N VAL A 422 15.38 4.44 -9.65
CA VAL A 422 14.63 5.56 -10.26
C VAL A 422 14.62 5.45 -11.78
N TYR A 423 15.71 4.95 -12.37
CA TYR A 423 15.79 4.73 -13.81
C TYR A 423 14.54 4.09 -14.39
N PHE A 424 13.99 3.07 -13.73
CA PHE A 424 12.89 2.35 -14.35
C PHE A 424 11.57 3.10 -14.28
N THR A 425 11.47 4.14 -13.48
CA THR A 425 10.23 4.88 -13.35
C THR A 425 10.08 5.97 -14.38
N LEU A 426 11.08 6.16 -15.23
CA LEU A 426 11.04 7.19 -16.25
C LEU A 426 11.10 6.54 -17.62
N PRO A 427 10.62 7.24 -18.66
CA PRO A 427 10.69 6.68 -20.01
C PRO A 427 12.12 6.53 -20.46
N ASN A 428 12.61 5.30 -20.37
CA ASN A 428 14.02 5.00 -20.62
C ASN A 428 14.08 3.68 -21.35
N SER A 429 15.14 3.47 -22.13
CA SER A 429 15.31 2.18 -22.77
C SER A 429 15.43 1.07 -21.73
N THR A 430 14.71 -0.03 -21.95
CA THR A 430 14.83 -1.22 -21.11
C THR A 430 15.52 -2.37 -21.84
N GLU A 431 16.03 -2.11 -23.04
CA GLU A 431 16.84 -3.10 -23.74
C GLU A 431 17.95 -3.63 -22.82
N ARG A 432 18.15 -4.95 -22.86
CA ARG A 432 19.03 -5.64 -21.91
C ARG A 432 20.42 -4.99 -21.80
N THR A 433 21.08 -4.75 -22.94
CA THR A 433 22.46 -4.24 -22.84
C THR A 433 22.51 -2.81 -22.31
N VAL A 434 21.50 -1.97 -22.57
CA VAL A 434 21.50 -0.63 -22.00
C VAL A 434 21.28 -0.68 -20.49
N VAL A 435 20.35 -1.54 -20.03
CA VAL A 435 20.13 -1.66 -18.59
C VAL A 435 21.38 -2.25 -17.91
N GLU A 436 22.08 -3.18 -18.59
CA GLU A 436 23.29 -3.72 -17.97
C GLU A 436 24.36 -2.66 -17.84
N ASN A 437 24.38 -1.69 -18.77
CA ASN A 437 25.29 -0.57 -18.68
C ASN A 437 24.98 0.29 -17.45
N VAL A 438 23.69 0.60 -17.23
CA VAL A 438 23.32 1.30 -15.98
C VAL A 438 23.78 0.49 -14.78
N PHE A 439 23.61 -0.83 -14.83
CA PHE A 439 23.91 -1.73 -13.72
C PHE A 439 25.35 -2.23 -13.70
N GLY A 440 26.24 -1.57 -14.43
CA GLY A 440 27.65 -1.84 -14.33
C GLY A 440 28.26 -1.86 -12.94
N TYR A 441 28.01 -0.87 -12.06
CA TYR A 441 27.16 0.29 -12.29
C TYR A 441 27.90 1.25 -13.22
N HIS A 442 27.12 2.04 -13.95
CA HIS A 442 27.71 3.12 -14.71
C HIS A 442 28.48 4.05 -13.79
N ASN A 443 29.62 4.56 -14.29
CA ASN A 443 30.51 5.24 -13.36
C ASN A 443 29.91 6.54 -12.80
N ILE A 444 28.88 7.11 -13.45
CA ILE A 444 28.23 8.28 -12.84
C ILE A 444 27.65 7.92 -11.50
N LEU A 445 27.17 6.68 -11.37
CA LEU A 445 26.57 6.27 -10.13
C LEU A 445 27.63 6.14 -9.04
N TYR A 446 28.82 5.61 -9.41
CA TYR A 446 29.90 5.50 -8.44
C TYR A 446 30.46 6.88 -8.08
N LEU A 447 30.55 7.78 -9.07
CA LEU A 447 31.06 9.11 -8.77
C LEU A 447 30.11 9.89 -7.86
N SER A 448 28.80 9.69 -8.05
CA SER A 448 27.82 10.27 -7.13
C SER A 448 28.07 9.80 -5.70
N GLY A 449 28.25 8.48 -5.53
CA GLY A 449 28.54 7.93 -4.19
C GLY A 449 29.85 8.46 -3.65
N MET A 450 30.86 8.57 -4.51
CA MET A 450 32.16 9.08 -4.10
C MET A 450 32.06 10.51 -3.56
N ILE A 451 31.32 11.38 -4.26
CA ILE A 451 31.16 12.75 -3.79
C ILE A 451 30.40 12.77 -2.48
N LEU A 452 29.32 12.00 -2.43
CA LEU A 452 28.53 11.92 -1.21
C LEU A 452 29.41 11.50 -0.02
N ARG A 453 30.19 10.42 -0.20
CA ARG A 453 31.02 9.92 0.88
C ARG A 453 32.10 10.92 1.29
N LEU A 454 32.79 11.47 0.30
CA LEU A 454 33.91 12.35 0.65
C LEU A 454 33.43 13.63 1.34
N ALA A 455 32.34 14.20 0.87
CA ALA A 455 31.80 15.40 1.54
C ALA A 455 31.46 15.11 3.00
N ASP A 456 30.82 13.97 3.27
CA ASP A 456 30.53 13.58 4.66
C ASP A 456 31.81 13.45 5.47
N ASP A 457 32.80 12.73 4.94
CA ASP A 457 34.03 12.50 5.69
C ASP A 457 34.77 13.81 5.94
N LEU A 458 34.70 14.73 4.99
CA LEU A 458 35.39 16.01 5.17
C LEU A 458 34.72 16.85 6.23
N GLY A 459 33.40 16.97 6.15
CA GLY A 459 32.68 17.81 7.09
C GLY A 459 32.74 17.28 8.50
N THR A 460 32.44 16.00 8.68
CA THR A 460 32.60 15.38 9.99
C THR A 460 34.09 15.20 10.38
N THR A 461 34.97 15.80 9.57
CA THR A 461 36.43 15.79 9.73
C THR A 461 36.98 14.46 10.26
N GLN A 471 36.80 4.06 10.48
CA GLN A 471 37.62 5.24 10.22
C GLN A 471 37.25 5.83 8.87
N LYS A 472 37.20 7.15 8.74
CA LYS A 472 36.77 7.73 7.48
C LYS A 472 37.98 8.00 6.58
N ALA A 473 37.74 8.73 5.49
CA ALA A 473 38.74 8.88 4.44
C ALA A 473 40.00 9.55 4.96
N ILE A 474 39.86 10.62 5.75
CA ILE A 474 41.05 11.33 6.25
C ILE A 474 41.91 10.41 7.11
N GLN A 475 41.26 9.67 8.03
CA GLN A 475 41.97 8.76 8.91
C GLN A 475 42.65 7.64 8.13
N CYS A 476 41.98 7.10 7.10
CA CYS A 476 42.63 6.08 6.28
C CYS A 476 43.87 6.63 5.59
N TYR A 477 43.79 7.85 5.05
CA TYR A 477 44.96 8.48 4.46
C TYR A 477 46.07 8.64 5.49
N MET A 478 45.73 9.08 6.70
CA MET A 478 46.76 9.22 7.74
C MET A 478 47.39 7.87 8.06
N ASN A 479 46.54 6.85 8.22
CA ASN A 479 47.03 5.50 8.50
C ASN A 479 47.92 4.99 7.37
N ASP A 480 47.47 5.14 6.12
CA ASP A 480 48.24 4.62 5.00
C ASP A 480 49.64 5.20 4.97
N ASN A 481 49.75 6.48 5.28
CA ASN A 481 50.92 7.27 4.94
C ASN A 481 51.62 7.84 6.17
N ASN A 482 51.22 7.45 7.37
CA ASN A 482 51.79 8.06 8.57
C ASN A 482 51.77 9.59 8.46
N ALA A 483 50.67 10.11 7.96
CA ALA A 483 50.53 11.53 7.65
C ALA A 483 49.70 12.24 8.71
N THR A 484 49.81 13.58 8.69
CA THR A 484 49.09 14.40 9.66
C THR A 484 47.63 14.57 9.26
N GLU A 485 46.81 14.98 10.23
CA GLU A 485 45.41 15.25 9.94
C GLU A 485 45.27 16.36 8.90
N GLU A 486 46.13 17.38 8.96
CA GLU A 486 46.10 18.41 7.92
C GLU A 486 46.45 17.85 6.55
N GLU A 487 47.46 16.97 6.48
CA GLU A 487 47.83 16.35 5.21
C GLU A 487 46.69 15.51 4.65
N GLY A 488 46.05 14.68 5.50
CA GLY A 488 44.92 13.89 5.03
C GLY A 488 43.74 14.75 4.61
N THR A 489 43.50 15.83 5.36
CA THR A 489 42.37 16.71 5.01
C THR A 489 42.58 17.31 3.63
N GLU A 490 43.79 17.83 3.38
CA GLU A 490 44.12 18.40 2.08
C GLU A 490 44.01 17.37 0.97
N HIS A 491 44.47 16.13 1.22
CA HIS A 491 44.34 15.11 0.19
C HIS A 491 42.87 14.81 -0.11
N VAL A 492 42.01 14.76 0.93
CA VAL A 492 40.62 14.40 0.68
C VAL A 492 39.87 15.55 0.00
N LYS A 493 40.27 16.80 0.27
CA LYS A 493 39.73 17.93 -0.49
C LYS A 493 40.09 17.80 -1.96
N TYR A 494 41.33 17.37 -2.24
CA TYR A 494 41.72 17.13 -3.63
C TYR A 494 40.92 16.02 -4.25
N LEU A 495 40.67 14.94 -3.50
CA LEU A 495 39.88 13.83 -4.03
C LEU A 495 38.48 14.28 -4.35
N LEU A 496 37.91 15.16 -3.53
CA LEU A 496 36.57 15.67 -3.83
C LEU A 496 36.56 16.49 -5.11
N ARG A 497 37.53 17.39 -5.27
CA ARG A 497 37.61 18.14 -6.52
C ARG A 497 37.83 17.22 -7.72
N GLU A 498 38.67 16.19 -7.54
CA GLU A 498 38.94 15.27 -8.65
C GLU A 498 37.69 14.48 -9.01
N ALA A 499 36.91 14.05 -8.00
CA ALA A 499 35.66 13.34 -8.29
C ALA A 499 34.71 14.22 -9.07
N TRP A 500 34.65 15.51 -8.73
CA TRP A 500 33.82 16.45 -9.47
C TRP A 500 34.31 16.62 -10.90
N GLN A 501 35.63 16.73 -11.09
CA GLN A 501 36.20 16.80 -12.43
C GLN A 501 35.77 15.58 -13.25
N GLU A 502 35.81 14.39 -12.66
CA GLU A 502 35.41 13.18 -13.36
C GLU A 502 33.91 13.16 -13.61
N MET A 503 33.13 13.64 -12.64
CA MET A 503 31.69 13.73 -12.84
C MET A 503 31.35 14.70 -13.95
N ASN A 504 32.03 15.84 -14.01
CA ASN A 504 31.75 16.80 -15.06
C ASN A 504 31.99 16.18 -16.43
N SER A 505 33.12 15.49 -16.59
CA SER A 505 33.37 14.79 -17.84
C SER A 505 32.29 13.75 -18.14
N ALA A 506 31.87 12.99 -17.13
CA ALA A 506 30.90 11.93 -17.34
C ALA A 506 29.55 12.50 -17.78
N MET A 507 29.13 13.64 -17.20
CA MET A 507 27.86 14.27 -17.55
C MET A 507 27.82 14.75 -18.99
N ALA A 508 28.99 14.95 -19.63
CA ALA A 508 29.11 15.46 -20.99
C ALA A 508 29.31 14.35 -22.02
N ASP A 509 29.45 13.11 -21.58
CA ASP A 509 29.63 12.00 -22.48
C ASP A 509 28.35 11.80 -23.27
N PRO A 510 28.37 11.98 -24.60
CA PRO A 510 27.15 11.82 -25.39
C PRO A 510 26.63 10.39 -25.43
N ASP A 511 27.42 9.41 -24.98
CA ASP A 511 26.98 8.02 -24.95
C ASP A 511 26.44 7.60 -23.60
N CYS A 512 26.23 8.54 -22.68
CA CYS A 512 25.77 8.20 -21.35
C CYS A 512 24.38 7.55 -21.41
N PRO A 513 24.19 6.38 -20.79
CA PRO A 513 22.85 5.75 -20.82
C PRO A 513 21.83 6.43 -19.90
N LEU A 514 22.25 7.35 -19.04
CA LEU A 514 21.35 8.09 -18.17
C LEU A 514 20.93 9.40 -18.84
N SER A 515 19.63 9.67 -18.81
CA SER A 515 19.14 10.94 -19.32
C SER A 515 19.56 12.09 -18.40
N GLU A 516 19.40 13.32 -18.89
CA GLU A 516 19.89 14.46 -18.12
C GLU A 516 19.23 14.55 -16.76
N ASP A 517 17.95 14.17 -16.64
CA ASP A 517 17.27 14.34 -15.37
C ASP A 517 17.84 13.41 -14.31
N LEU A 518 18.28 12.22 -14.71
CA LEU A 518 18.86 11.26 -13.77
C LEU A 518 20.31 11.60 -13.49
N VAL A 519 21.03 12.14 -14.48
CA VAL A 519 22.38 12.61 -14.20
C VAL A 519 22.34 13.74 -13.17
N PHE A 520 21.36 14.64 -13.31
CA PHE A 520 21.17 15.74 -12.38
C PHE A 520 20.90 15.23 -10.97
N ALA A 521 20.02 14.22 -10.84
CA ALA A 521 19.77 13.59 -9.53
C ALA A 521 21.04 12.95 -8.96
N ALA A 522 21.81 12.27 -9.79
CA ALA A 522 23.03 11.64 -9.27
C ALA A 522 24.00 12.70 -8.74
N ALA A 523 24.19 13.77 -9.50
CA ALA A 523 25.06 14.83 -9.04
C ALA A 523 24.46 15.51 -7.81
N ASN A 524 23.14 15.65 -7.76
CA ASN A 524 22.50 16.30 -6.63
C ASN A 524 22.59 15.49 -5.35
N LEU A 525 22.71 14.16 -5.43
CA LEU A 525 22.97 13.39 -4.19
C LEU A 525 24.29 13.83 -3.55
N GLY A 526 25.34 13.98 -4.37
CA GLY A 526 26.59 14.52 -3.86
C GLY A 526 26.44 15.94 -3.32
N ARG A 527 25.76 16.80 -4.07
CA ARG A 527 25.57 18.16 -3.59
C ARG A 527 24.80 18.22 -2.28
N THR A 528 23.83 17.32 -2.08
CA THR A 528 23.08 17.37 -0.82
C THR A 528 23.99 17.04 0.34
N SER A 529 24.89 16.10 0.14
CA SER A 529 25.86 15.80 1.17
C SER A 529 26.74 17.01 1.41
N GLN A 530 27.13 17.69 0.33
CA GLN A 530 27.95 18.89 0.52
C GLN A 530 27.22 19.97 1.32
N PHE A 531 25.90 20.12 1.11
CA PHE A 531 25.16 21.15 1.84
C PHE A 531 25.03 20.78 3.32
N ILE A 532 24.70 19.51 3.60
CA ILE A 532 24.50 19.08 4.98
C ILE A 532 25.80 19.15 5.77
N TYR A 533 26.91 18.69 5.20
CA TYR A 533 28.13 18.50 5.96
C TYR A 533 29.18 19.58 5.75
N LEU A 534 29.06 20.40 4.70
CA LEU A 534 30.08 21.37 4.35
C LEU A 534 29.54 22.81 4.30
N ASP A 535 28.36 23.06 4.85
CA ASP A 535 27.72 24.38 4.88
C ASP A 535 27.61 25.06 3.53
N GLU A 545 21.95 25.91 12.07
CA GLU A 545 22.01 24.45 12.16
C GLU A 545 21.12 23.81 11.06
N ILE A 546 21.44 22.55 10.73
CA ILE A 546 20.82 21.95 9.55
C ILE A 546 19.37 21.58 9.82
N HIS A 547 19.02 21.22 11.05
CA HIS A 547 17.63 20.94 11.37
C HIS A 547 16.76 22.17 11.15
N ASN A 548 17.28 23.36 11.49
CA ASN A 548 16.53 24.59 11.27
C ASN A 548 16.43 24.96 9.80
N GLN A 549 17.48 24.70 9.01
CA GLN A 549 17.36 24.93 7.59
C GLN A 549 16.33 24.00 6.95
N MET A 550 16.29 22.73 7.39
CA MET A 550 15.34 21.77 6.84
C MET A 550 13.91 22.21 7.14
N GLY A 551 13.65 22.56 8.40
CA GLY A 551 12.33 23.03 8.75
C GLY A 551 12.02 24.37 8.13
N GLY A 552 13.02 25.22 7.98
CA GLY A 552 12.77 26.50 7.33
C GLY A 552 12.32 26.33 5.90
N LEU A 553 12.88 25.34 5.19
CA LEU A 553 12.53 25.18 3.79
C LEU A 553 11.17 24.49 3.65
N ILE A 554 10.92 23.49 4.48
CA ILE A 554 9.75 22.63 4.30
C ILE A 554 8.51 23.23 4.95
N PHE A 555 8.62 23.73 6.19
CA PHE A 555 7.47 24.05 7.01
C PHE A 555 7.23 25.52 7.29
N GLU A 556 8.22 26.41 6.99
CA GLU A 556 8.04 27.81 7.35
C GLU A 556 7.65 28.64 6.13
N PRO A 557 6.70 29.56 6.26
CA PRO A 557 6.29 30.33 5.09
C PRO A 557 7.39 31.28 4.61
N TYR A 558 7.35 31.57 3.32
CA TYR A 558 8.14 32.65 2.75
C TYR A 558 7.24 33.86 2.63
N VAL A 559 7.59 34.94 3.32
CA VAL A 559 6.80 36.17 3.30
C VAL A 559 7.50 37.22 2.44
N VAL B 28 -22.80 3.41 -11.52
CA VAL B 28 -22.65 4.80 -11.07
C VAL B 28 -21.82 4.82 -9.80
N TRP B 29 -21.50 3.62 -9.30
CA TRP B 29 -20.79 3.44 -8.03
C TRP B 29 -19.27 3.54 -8.23
N ASN B 30 -18.83 4.65 -8.82
CA ASN B 30 -17.41 4.82 -9.04
C ASN B 30 -16.75 5.40 -7.78
N ASN B 31 -15.41 5.54 -7.82
CA ASN B 31 -14.69 5.95 -6.61
C ASN B 31 -15.06 7.36 -6.20
N ASP B 32 -15.24 8.26 -7.17
CA ASP B 32 -15.64 9.62 -6.80
C ASP B 32 -16.97 9.63 -6.08
N PHE B 33 -17.94 8.82 -6.54
CA PHE B 33 -19.20 8.69 -5.83
C PHE B 33 -18.97 8.14 -4.42
N ILE B 34 -18.19 7.08 -4.32
CA ILE B 34 -18.00 6.44 -3.02
C ILE B 34 -17.33 7.39 -2.05
N GLN B 35 -16.33 8.15 -2.51
CA GLN B 35 -15.61 9.04 -1.62
C GLN B 35 -16.40 10.27 -1.25
N SER B 36 -17.52 10.53 -1.91
CA SER B 36 -18.21 11.80 -1.72
C SER B 36 -19.00 11.85 -0.42
N PHE B 37 -19.18 10.70 0.21
CA PHE B 37 -19.96 10.59 1.43
C PHE B 37 -19.15 11.01 2.64
N SER B 38 -19.76 11.80 3.51
CA SER B 38 -19.14 12.09 4.78
C SER B 38 -19.28 10.91 5.72
N THR B 39 -18.29 10.72 6.57
CA THR B 39 -18.29 9.64 7.56
C THR B 39 -18.09 10.19 8.98
N ASP B 40 -18.49 11.43 9.20
CA ASP B 40 -18.25 12.14 10.45
C ASP B 40 -19.48 12.26 11.34
N LYS B 41 -20.68 12.06 10.80
CA LYS B 41 -21.87 12.44 11.55
C LYS B 41 -21.96 11.76 12.91
N TYR B 42 -21.85 10.43 12.92
CA TYR B 42 -22.11 9.68 14.16
C TYR B 42 -20.86 9.52 15.01
N LYS B 43 -19.84 10.33 14.76
CA LYS B 43 -18.68 10.35 15.66
C LYS B 43 -18.83 11.38 16.77
N ASP B 44 -19.80 12.29 16.66
CA ASP B 44 -20.07 13.21 17.76
C ASP B 44 -20.28 12.42 19.04
N GLU B 45 -19.69 12.89 20.15
CA GLU B 45 -19.71 12.11 21.38
C GLU B 45 -21.11 11.92 21.93
N LYS B 46 -22.06 12.75 21.52
CA LYS B 46 -23.43 12.56 21.99
C LYS B 46 -24.04 11.27 21.45
N PHE B 47 -23.59 10.78 20.29
CA PHE B 47 -24.16 9.52 19.79
C PHE B 47 -23.66 8.34 20.60
N LEU B 48 -22.36 8.29 20.90
CA LEU B 48 -21.89 7.22 21.78
C LEU B 48 -22.49 7.34 23.17
N LYS B 49 -22.68 8.57 23.65
CA LYS B 49 -23.28 8.75 24.97
C LYS B 49 -24.73 8.27 24.98
N LYS B 50 -25.48 8.58 23.91
CA LYS B 50 -26.86 8.10 23.82
C LYS B 50 -26.91 6.59 23.72
N LYS B 51 -26.04 6.00 22.90
CA LYS B 51 -26.00 4.55 22.77
C LYS B 51 -25.72 3.87 24.10
N GLU B 52 -24.73 4.39 24.85
CA GLU B 52 -24.42 3.84 26.17
C GLU B 52 -25.62 3.93 27.11
N GLU B 53 -26.34 5.07 27.08
CA GLU B 53 -27.52 5.19 27.91
C GLU B 53 -28.58 4.17 27.53
N LEU B 54 -28.77 3.93 26.23
CA LEU B 54 -29.80 2.97 25.82
C LEU B 54 -29.43 1.56 26.26
N ILE B 55 -28.15 1.18 26.08
CA ILE B 55 -27.66 -0.14 26.51
C ILE B 55 -27.95 -0.36 27.97
N ALA B 56 -27.68 0.66 28.80
CA ALA B 56 -27.96 0.53 30.23
C ALA B 56 -29.44 0.31 30.49
N GLN B 57 -30.29 1.02 29.73
CA GLN B 57 -31.74 0.85 29.91
C GLN B 57 -32.18 -0.55 29.51
N VAL B 58 -31.58 -1.10 28.44
CA VAL B 58 -31.91 -2.47 28.05
C VAL B 58 -31.43 -3.46 29.12
N LYS B 59 -30.26 -3.22 29.71
CA LYS B 59 -29.81 -4.08 30.80
C LYS B 59 -30.79 -4.03 31.98
N VAL B 60 -31.40 -2.87 32.26
CA VAL B 60 -32.39 -2.80 33.34
C VAL B 60 -33.55 -3.72 33.01
N LEU B 61 -33.96 -3.73 31.74
CA LEU B 61 -35.06 -4.58 31.30
C LEU B 61 -34.68 -6.07 31.37
N LEU B 62 -33.49 -6.43 30.90
CA LEU B 62 -33.02 -7.81 30.96
C LEU B 62 -32.95 -8.32 32.39
N ASN B 63 -32.74 -7.43 33.37
CA ASN B 63 -32.66 -7.87 34.76
C ASN B 63 -33.99 -7.80 35.50
N THR B 64 -35.08 -7.45 34.84
CA THR B 64 -36.35 -7.45 35.54
C THR B 64 -36.94 -8.86 35.61
N LYS B 65 -37.69 -9.13 36.68
CA LYS B 65 -38.41 -10.39 36.78
C LYS B 65 -39.43 -10.51 35.65
N MET B 66 -39.42 -11.66 34.98
CA MET B 66 -40.42 -11.96 33.95
C MET B 66 -40.36 -13.46 33.66
N GLU B 67 -41.44 -13.97 33.08
CA GLU B 67 -41.50 -15.39 32.72
C GLU B 67 -40.38 -15.76 31.73
N ALA B 68 -39.94 -17.02 31.81
CA ALA B 68 -38.85 -17.49 30.98
C ALA B 68 -39.14 -17.28 29.50
N VAL B 69 -40.35 -17.59 29.05
CA VAL B 69 -40.60 -17.43 27.62
C VAL B 69 -40.44 -15.96 27.22
N LYS B 70 -40.80 -15.02 28.08
CA LYS B 70 -40.64 -13.61 27.75
C LYS B 70 -39.19 -13.22 27.74
N GLN B 71 -38.37 -13.81 28.63
CA GLN B 71 -36.93 -13.54 28.56
C GLN B 71 -36.37 -14.02 27.22
N LEU B 72 -36.84 -15.19 26.77
CA LEU B 72 -36.33 -15.73 25.52
C LEU B 72 -36.78 -14.92 24.32
N GLU B 73 -38.01 -14.42 24.33
CA GLU B 73 -38.46 -13.58 23.24
C GLU B 73 -37.70 -12.27 23.20
N LEU B 74 -37.31 -11.77 24.37
CA LEU B 74 -36.48 -10.57 24.42
C LEU B 74 -35.08 -10.82 23.86
N ILE B 75 -34.45 -11.93 24.22
CA ILE B 75 -33.16 -12.28 23.62
C ILE B 75 -33.31 -12.37 22.10
N GLU B 76 -34.37 -13.03 21.63
CA GLU B 76 -34.56 -13.21 20.19
C GLU B 76 -34.72 -11.86 19.48
N ASP B 77 -35.46 -10.92 20.10
CA ASP B 77 -35.64 -9.60 19.50
C ASP B 77 -34.30 -8.86 19.44
N LEU B 78 -33.55 -8.87 20.54
CA LEU B 78 -32.26 -8.18 20.57
C LEU B 78 -31.30 -8.81 19.58
N ARG B 79 -31.34 -10.13 19.47
CA ARG B 79 -30.41 -10.83 18.59
C ARG B 79 -30.71 -10.49 17.13
N ASN B 80 -31.99 -10.42 16.79
CA ASN B 80 -32.36 -10.11 15.40
C ASN B 80 -32.16 -8.65 15.06
N LEU B 81 -31.89 -7.80 16.05
CA LEU B 81 -31.42 -6.44 15.76
C LEU B 81 -29.90 -6.33 15.81
N GLY B 82 -29.18 -7.45 15.92
CA GLY B 82 -27.72 -7.40 15.90
C GLY B 82 -27.10 -6.86 17.16
N LEU B 83 -27.80 -6.97 18.30
CA LEU B 83 -27.35 -6.34 19.53
C LEU B 83 -26.74 -7.31 20.52
N THR B 84 -26.58 -8.58 20.17
CA THR B 84 -26.02 -9.57 21.10
C THR B 84 -24.73 -9.09 21.71
N TYR B 85 -23.86 -8.48 20.89
CA TYR B 85 -22.57 -7.93 21.33
C TYR B 85 -22.62 -7.19 22.66
N TYR B 86 -23.73 -6.48 22.94
CA TYR B 86 -23.79 -5.64 24.12
C TYR B 86 -24.33 -6.35 25.35
N PHE B 87 -24.91 -7.54 25.18
CA PHE B 87 -25.68 -8.15 26.26
C PHE B 87 -25.26 -9.59 26.52
N GLU B 88 -23.98 -9.90 26.29
CA GLU B 88 -23.53 -11.29 26.39
C GLU B 88 -23.68 -11.82 27.81
N ASP B 89 -23.26 -11.03 28.79
CA ASP B 89 -23.35 -11.45 30.18
C ASP B 89 -24.79 -11.76 30.53
N GLU B 90 -25.70 -10.88 30.11
CA GLU B 90 -27.09 -11.04 30.49
C GLU B 90 -27.71 -12.24 29.81
N PHE B 91 -27.44 -12.41 28.51
CA PHE B 91 -27.93 -13.57 27.79
C PHE B 91 -27.46 -14.85 28.46
N LYS B 92 -26.17 -14.90 28.82
CA LYS B 92 -25.60 -16.11 29.39
C LYS B 92 -26.24 -16.44 30.73
N LYS B 93 -26.50 -15.41 31.54
CA LYS B 93 -27.14 -15.65 32.82
C LYS B 93 -28.55 -16.19 32.61
N ILE B 94 -29.33 -15.52 31.75
CA ILE B 94 -30.70 -15.95 31.51
C ILE B 94 -30.73 -17.37 30.97
N LEU B 95 -29.85 -17.68 30.02
CA LEU B 95 -29.94 -18.96 29.33
C LEU B 95 -29.47 -20.10 30.22
N THR B 96 -28.42 -19.87 31.00
CA THR B 96 -27.93 -20.88 31.94
C THR B 96 -29.01 -21.26 32.95
N SER B 97 -29.74 -20.27 33.46
CA SER B 97 -30.80 -20.54 34.41
C SER B 97 -31.86 -21.45 33.80
N ILE B 98 -32.28 -21.15 32.57
CA ILE B 98 -33.30 -21.94 31.90
C ILE B 98 -32.77 -23.35 31.59
N TYR B 99 -31.52 -23.44 31.12
CA TYR B 99 -30.87 -24.73 30.97
C TYR B 99 -30.90 -25.54 32.26
N ASN B 100 -30.51 -24.91 33.37
CA ASN B 100 -30.45 -25.63 34.64
C ASN B 100 -31.82 -26.01 35.16
N GLU B 101 -32.83 -25.16 34.94
CA GLU B 101 -34.18 -25.47 35.43
C GLU B 101 -34.71 -26.77 34.83
N HIS B 102 -34.26 -27.12 33.63
CA HIS B 102 -34.84 -28.23 32.89
C HIS B 102 -33.85 -29.36 32.68
N LYS B 103 -32.96 -29.54 33.66
CA LYS B 103 -32.04 -30.68 33.66
C LYS B 103 -31.18 -30.71 32.40
N GLY B 104 -30.85 -29.54 31.86
CA GLY B 104 -29.93 -29.47 30.74
C GLY B 104 -30.50 -29.90 29.41
N PHE B 105 -31.84 -29.99 29.28
CA PHE B 105 -32.49 -30.24 27.99
C PHE B 105 -32.03 -31.60 27.44
N LYS B 106 -32.01 -32.62 28.29
CA LYS B 106 -31.47 -33.91 27.88
C LYS B 106 -32.53 -34.97 27.65
N ASN B 107 -33.63 -34.92 28.40
CA ASN B 107 -34.65 -35.98 28.28
C ASN B 107 -36.03 -35.46 28.66
N GLU B 108 -36.16 -34.77 29.80
CA GLU B 108 -37.49 -34.47 30.30
C GLU B 108 -38.12 -33.30 29.54
N GLN B 109 -39.45 -33.27 29.52
CA GLN B 109 -40.16 -32.22 28.77
C GLN B 109 -39.91 -30.85 29.41
N VAL B 110 -39.62 -29.83 28.58
CA VAL B 110 -39.22 -28.53 29.10
C VAL B 110 -40.33 -27.50 29.04
N GLY B 111 -41.44 -27.78 28.38
CA GLY B 111 -42.41 -26.74 28.09
C GLY B 111 -43.36 -27.20 27.00
N ASP B 112 -44.18 -26.27 26.52
CA ASP B 112 -45.04 -26.59 25.39
C ASP B 112 -44.20 -26.53 24.11
N LEU B 113 -44.82 -26.72 22.94
CA LEU B 113 -44.03 -26.81 21.71
C LEU B 113 -43.28 -25.51 21.45
N TYR B 114 -43.94 -24.38 21.69
CA TYR B 114 -43.35 -23.09 21.37
C TYR B 114 -42.13 -22.83 22.25
N PHE B 115 -42.30 -22.99 23.56
CA PHE B 115 -41.17 -22.80 24.47
C PHE B 115 -40.06 -23.79 24.17
N THR B 116 -40.40 -25.07 23.98
CA THR B 116 -39.37 -26.05 23.65
C THR B 116 -38.59 -25.60 22.42
N SER B 117 -39.29 -25.16 21.36
CA SER B 117 -38.61 -24.78 20.11
C SER B 117 -37.74 -23.54 20.31
N LEU B 118 -38.28 -22.50 20.97
CA LEU B 118 -37.53 -21.26 21.17
C LEU B 118 -36.33 -21.48 22.09
N ALA B 119 -36.53 -22.15 23.21
CA ALA B 119 -35.42 -22.40 24.14
C ALA B 119 -34.37 -23.30 23.53
N PHE B 120 -34.80 -24.39 22.88
CA PHE B 120 -33.83 -25.27 22.21
C PHE B 120 -32.98 -24.48 21.22
N ARG B 121 -33.64 -23.65 20.42
CA ARG B 121 -32.92 -22.94 19.37
C ARG B 121 -31.91 -21.95 19.99
N LEU B 122 -32.35 -21.13 20.96
CA LEU B 122 -31.42 -20.14 21.50
C LEU B 122 -30.33 -20.78 22.35
N LEU B 123 -30.65 -21.85 23.07
CA LEU B 123 -29.62 -22.52 23.85
C LEU B 123 -28.57 -23.11 22.93
N ARG B 124 -29.00 -23.78 21.86
CA ARG B 124 -28.03 -24.37 20.97
C ARG B 124 -27.19 -23.29 20.30
N LEU B 125 -27.84 -22.19 19.88
CA LEU B 125 -27.11 -21.10 19.20
C LEU B 125 -26.08 -20.47 20.11
N HIS B 126 -26.26 -20.56 21.42
CA HIS B 126 -25.34 -19.95 22.38
C HIS B 126 -24.40 -20.96 23.00
N GLY B 127 -24.27 -22.13 22.37
CA GLY B 127 -23.22 -23.06 22.73
C GLY B 127 -23.58 -24.08 23.77
N PHE B 128 -24.84 -24.18 24.14
CA PHE B 128 -25.26 -25.18 25.10
C PHE B 128 -25.45 -26.54 24.44
N ASP B 129 -25.20 -27.58 25.21
CA ASP B 129 -25.36 -28.96 24.76
C ASP B 129 -26.79 -29.38 25.10
N VAL B 130 -27.68 -29.31 24.11
CA VAL B 130 -29.09 -29.64 24.27
C VAL B 130 -29.46 -30.76 23.31
N SER B 131 -30.46 -31.55 23.66
CA SER B 131 -30.81 -32.75 22.89
C SER B 131 -32.11 -32.57 22.12
N GLU B 132 -32.14 -33.04 20.87
CA GLU B 132 -33.40 -33.08 20.12
C GLU B 132 -34.45 -33.97 20.78
N ASP B 133 -34.08 -34.74 21.80
CA ASP B 133 -35.08 -35.58 22.47
C ASP B 133 -36.14 -34.77 23.19
N VAL B 134 -35.89 -33.46 23.42
CA VAL B 134 -36.90 -32.64 24.07
C VAL B 134 -38.13 -32.46 23.19
N PHE B 135 -38.02 -32.75 21.89
CA PHE B 135 -39.17 -32.66 21.00
C PHE B 135 -40.01 -33.94 20.96
N ASN B 136 -39.55 -35.02 21.60
CA ASN B 136 -40.27 -36.28 21.51
C ASN B 136 -41.70 -36.18 22.06
N PHE B 137 -41.97 -35.24 22.96
CA PHE B 137 -43.28 -35.10 23.60
C PHE B 137 -44.36 -34.60 22.67
N PHE B 138 -44.01 -34.26 21.44
CA PHE B 138 -44.88 -33.58 20.49
C PHE B 138 -45.13 -34.44 19.26
N LYS B 139 -44.75 -35.71 19.30
CA LYS B 139 -44.82 -36.63 18.17
C LYS B 139 -46.08 -37.50 18.24
N ASN B 140 -46.45 -38.03 17.08
CA ASN B 140 -47.62 -38.89 16.98
C ASN B 140 -47.29 -40.22 17.67
N GLU B 141 -48.21 -41.18 17.54
CA GLU B 141 -48.08 -42.42 18.29
C GLU B 141 -46.90 -43.26 17.80
N ASP B 142 -46.81 -43.49 16.49
CA ASP B 142 -45.67 -44.26 15.99
C ASP B 142 -44.35 -43.52 16.13
N GLY B 143 -44.38 -42.22 16.40
CA GLY B 143 -43.16 -41.43 16.40
C GLY B 143 -42.64 -41.11 15.02
N SER B 144 -43.43 -41.37 13.97
CA SER B 144 -43.05 -41.07 12.59
C SER B 144 -43.20 -39.59 12.24
N ASP B 145 -44.01 -38.86 12.99
CA ASP B 145 -44.32 -37.48 12.65
C ASP B 145 -44.69 -36.72 13.92
N PHE B 146 -44.78 -35.39 13.79
CA PHE B 146 -45.29 -34.57 14.85
C PHE B 146 -46.83 -34.61 14.84
N LYS B 147 -47.41 -34.26 15.98
CA LYS B 147 -48.86 -34.35 16.14
C LYS B 147 -49.57 -33.33 15.24
N ALA B 148 -50.52 -33.78 14.42
CA ALA B 148 -51.19 -32.84 13.51
C ALA B 148 -51.91 -31.72 14.26
N SER B 149 -52.47 -32.02 15.44
CA SER B 149 -53.14 -30.97 16.23
C SER B 149 -52.20 -29.84 16.62
N LEU B 150 -50.90 -30.10 16.78
CA LEU B 150 -50.00 -29.00 17.13
C LEU B 150 -49.89 -27.98 16.01
N GLY B 151 -50.30 -28.36 14.80
CA GLY B 151 -50.19 -27.51 13.63
C GLY B 151 -51.19 -26.39 13.55
N GLU B 152 -52.11 -26.29 14.50
CA GLU B 152 -53.09 -25.21 14.45
C GLU B 152 -52.43 -23.86 14.63
N ASN B 153 -51.48 -23.78 15.58
CA ASN B 153 -50.95 -22.50 16.03
C ASN B 153 -49.76 -22.15 15.15
N THR B 154 -49.95 -21.13 14.30
CA THR B 154 -48.92 -20.74 13.32
C THR B 154 -47.61 -20.36 13.99
N LYS B 155 -47.67 -19.60 15.10
CA LYS B 155 -46.40 -19.18 15.69
C LYS B 155 -45.67 -20.34 16.34
N ASP B 156 -46.39 -21.33 16.87
CA ASP B 156 -45.75 -22.55 17.35
C ASP B 156 -45.02 -23.25 16.20
N VAL B 157 -45.73 -23.50 15.10
CA VAL B 157 -45.15 -24.22 13.99
C VAL B 157 -43.95 -23.45 13.43
N LEU B 158 -44.08 -22.14 13.28
CA LEU B 158 -42.94 -21.31 12.82
C LEU B 158 -41.71 -21.50 13.70
N GLU B 159 -41.88 -21.45 15.02
CA GLU B 159 -40.73 -21.61 15.89
C GLU B 159 -40.11 -23.00 15.77
N LEU B 160 -40.94 -24.04 15.68
CA LEU B 160 -40.42 -25.38 15.43
C LEU B 160 -39.64 -25.44 14.12
N TYR B 161 -40.17 -24.81 13.06
CA TYR B 161 -39.45 -24.72 11.79
C TYR B 161 -38.07 -24.07 11.96
N GLU B 162 -37.99 -22.95 12.68
CA GLU B 162 -36.67 -22.30 12.86
C GLU B 162 -35.72 -23.21 13.60
N ALA B 163 -36.20 -23.90 14.64
CA ALA B 163 -35.36 -24.82 15.40
C ALA B 163 -34.84 -25.96 14.54
N SER B 164 -35.63 -26.38 13.54
CA SER B 164 -35.30 -27.59 12.79
C SER B 164 -34.02 -27.40 12.01
N PHE B 165 -33.68 -26.17 11.67
CA PHE B 165 -32.48 -25.95 10.88
C PHE B 165 -31.22 -25.94 11.72
N LEU B 166 -31.33 -26.12 13.03
CA LEU B 166 -30.13 -26.36 13.84
C LEU B 166 -29.72 -27.82 13.85
N ILE B 167 -30.36 -28.64 12.99
CA ILE B 167 -30.13 -30.08 12.92
C ILE B 167 -28.64 -30.39 12.79
N ARG B 168 -28.20 -31.40 13.51
CA ARG B 168 -26.84 -31.91 13.38
C ARG B 168 -26.87 -33.31 12.79
N VAL B 169 -25.68 -33.81 12.43
CA VAL B 169 -25.55 -35.14 11.85
C VAL B 169 -26.24 -36.17 12.75
N GLY B 170 -27.12 -36.96 12.15
CA GLY B 170 -27.83 -38.01 12.87
C GLY B 170 -29.15 -37.62 13.49
N GLU B 171 -29.54 -36.35 13.49
CA GLU B 171 -30.68 -35.89 14.31
C GLU B 171 -31.97 -36.00 13.52
N VAL B 172 -32.57 -37.19 13.53
CA VAL B 172 -33.70 -37.47 12.65
C VAL B 172 -34.94 -36.69 13.08
N THR B 173 -35.11 -36.46 14.38
CA THR B 173 -36.30 -35.75 14.86
C THR B 173 -36.37 -34.34 14.31
N LEU B 174 -35.21 -33.65 14.15
CA LEU B 174 -35.29 -32.29 13.64
C LEU B 174 -35.56 -32.30 12.15
N GLU B 175 -35.22 -33.38 11.45
CA GLU B 175 -35.60 -33.48 10.05
C GLU B 175 -37.10 -33.69 9.94
N GLN B 176 -37.64 -34.58 10.77
CA GLN B 176 -39.09 -34.72 10.85
C GLN B 176 -39.76 -33.37 11.13
N ALA B 177 -39.18 -32.59 12.03
CA ALA B 177 -39.74 -31.29 12.35
C ALA B 177 -39.77 -30.37 11.15
N ARG B 178 -38.69 -30.42 10.35
CA ARG B 178 -38.63 -29.56 9.18
C ARG B 178 -39.75 -29.89 8.20
N VAL B 179 -39.88 -31.17 7.84
CA VAL B 179 -40.89 -31.59 6.88
C VAL B 179 -42.29 -31.28 7.41
N PHE B 180 -42.54 -31.59 8.68
CA PHE B 180 -43.84 -31.32 9.30
C PHE B 180 -44.16 -29.82 9.26
N SER B 181 -43.22 -28.98 9.68
CA SER B 181 -43.57 -27.58 9.85
C SER B 181 -43.56 -26.85 8.51
N THR B 182 -42.63 -27.20 7.61
CA THR B 182 -42.65 -26.58 6.28
C THR B 182 -44.00 -26.80 5.60
N LYS B 183 -44.51 -28.04 5.65
CA LYS B 183 -45.78 -28.33 4.99
C LYS B 183 -46.91 -27.51 5.57
N ILE B 184 -46.92 -27.34 6.89
CA ILE B 184 -48.01 -26.60 7.53
C ILE B 184 -47.93 -25.11 7.19
N LEU B 185 -46.72 -24.53 7.28
CA LEU B 185 -46.57 -23.12 7.01
C LEU B 185 -46.93 -22.81 5.57
N GLU B 186 -46.50 -23.66 4.63
CA GLU B 186 -46.86 -23.45 3.23
C GLU B 186 -48.37 -23.51 3.03
N LYS B 187 -49.03 -24.44 3.71
CA LYS B 187 -50.48 -24.51 3.58
C LYS B 187 -51.13 -23.23 4.11
N LYS B 188 -50.64 -22.72 5.25
CA LYS B 188 -51.23 -21.52 5.83
C LYS B 188 -51.04 -20.32 4.92
N VAL B 189 -49.86 -20.20 4.28
CA VAL B 189 -49.69 -19.14 3.28
C VAL B 189 -50.69 -19.30 2.14
N GLU B 190 -50.88 -20.53 1.65
CA GLU B 190 -51.85 -20.81 0.59
C GLU B 190 -53.24 -20.31 0.98
N GLU B 191 -53.71 -20.70 2.17
CA GLU B 191 -55.06 -20.41 2.60
C GLU B 191 -55.27 -18.93 2.91
N GLY B 192 -54.22 -18.14 2.94
CA GLY B 192 -54.32 -16.74 3.28
C GLY B 192 -54.09 -16.48 4.76
N ILE B 193 -53.10 -15.67 5.08
CA ILE B 193 -52.82 -15.25 6.44
C ILE B 193 -53.22 -13.78 6.53
N LYS B 194 -54.16 -13.48 7.43
CA LYS B 194 -54.73 -12.14 7.46
C LYS B 194 -53.79 -11.14 8.11
N ASP B 195 -52.97 -11.60 9.06
CA ASP B 195 -51.92 -10.80 9.66
C ASP B 195 -50.83 -10.57 8.62
N GLU B 196 -50.83 -9.38 8.00
CA GLU B 196 -49.94 -9.12 6.88
C GLU B 196 -48.49 -9.08 7.31
N LYS B 197 -48.22 -8.62 8.54
CA LYS B 197 -46.85 -8.58 9.05
C LYS B 197 -46.33 -9.98 9.34
N LEU B 198 -47.20 -10.84 9.84
CA LEU B 198 -46.80 -12.23 10.09
C LEU B 198 -46.63 -12.97 8.78
N LEU B 199 -47.54 -12.76 7.82
CA LEU B 199 -47.35 -13.33 6.49
C LEU B 199 -45.98 -12.99 5.93
N ALA B 200 -45.59 -11.72 5.98
CA ALA B 200 -44.30 -11.31 5.44
C ALA B 200 -43.13 -11.96 6.18
N TRP B 201 -43.25 -12.09 7.51
CA TRP B 201 -42.18 -12.78 8.26
C TRP B 201 -42.12 -14.25 7.89
N ILE B 202 -43.28 -14.89 7.73
CA ILE B 202 -43.27 -16.31 7.38
C ILE B 202 -42.71 -16.50 5.97
N GLN B 203 -43.14 -15.66 5.02
CA GLN B 203 -42.60 -15.79 3.66
C GLN B 203 -41.08 -15.67 3.68
N HIS B 204 -40.57 -14.76 4.51
CA HIS B 204 -39.12 -14.55 4.62
C HIS B 204 -38.42 -15.82 5.13
N SER B 205 -38.97 -16.45 6.18
CA SER B 205 -38.35 -17.65 6.71
C SER B 205 -38.54 -18.87 5.82
N LEU B 206 -39.64 -18.95 5.07
CA LEU B 206 -39.80 -20.03 4.11
C LEU B 206 -38.78 -19.96 2.99
N ALA B 207 -38.42 -18.74 2.57
CA ALA B 207 -37.39 -18.60 1.55
C ALA B 207 -36.03 -19.02 2.10
N LEU B 208 -35.65 -18.52 3.28
CA LEU B 208 -34.41 -18.95 3.95
C LEU B 208 -34.74 -18.87 5.43
N PRO B 209 -34.54 -19.93 6.22
CA PRO B 209 -34.79 -19.83 7.66
C PRO B 209 -33.75 -18.93 8.30
N LEU B 210 -34.06 -18.45 9.51
CA LEU B 210 -33.18 -17.47 10.14
C LEU B 210 -31.76 -18.02 10.29
N HIS B 211 -31.61 -19.31 10.56
CA HIS B 211 -30.25 -19.88 10.66
C HIS B 211 -29.46 -19.72 9.35
N TRP B 212 -30.14 -19.53 8.21
CA TRP B 212 -29.47 -19.42 6.93
C TRP B 212 -29.31 -17.97 6.48
N ARG B 213 -29.61 -17.02 7.37
CA ARG B 213 -29.57 -15.60 7.05
C ARG B 213 -28.58 -14.87 7.98
N ILE B 214 -28.14 -13.72 7.49
CA ILE B 214 -27.18 -12.88 8.22
C ILE B 214 -27.90 -11.63 8.67
N GLN B 215 -27.84 -11.34 9.98
CA GLN B 215 -28.57 -10.18 10.50
C GLN B 215 -28.05 -8.91 9.86
N ARG B 216 -26.72 -8.78 9.74
CA ARG B 216 -26.16 -7.54 9.21
C ARG B 216 -26.63 -7.26 7.78
N LEU B 217 -26.69 -8.30 6.93
CA LEU B 217 -27.11 -8.03 5.55
C LEU B 217 -28.53 -7.52 5.49
N GLU B 218 -29.35 -7.96 6.43
CA GLU B 218 -30.76 -7.67 6.47
C GLU B 218 -31.13 -6.73 7.61
N ALA B 219 -30.17 -5.90 8.03
CA ALA B 219 -30.37 -5.09 9.24
C ALA B 219 -31.49 -4.08 9.05
N ARG B 220 -31.68 -3.55 7.84
CA ARG B 220 -32.80 -2.64 7.64
C ARG B 220 -34.13 -3.39 7.76
N TRP B 221 -34.21 -4.58 7.16
CA TRP B 221 -35.45 -5.35 7.17
C TRP B 221 -35.85 -5.71 8.58
N PHE B 222 -34.88 -6.17 9.39
CA PHE B 222 -35.17 -6.53 10.76
C PHE B 222 -35.58 -5.31 11.60
N LEU B 223 -34.93 -4.16 11.37
CA LEU B 223 -35.32 -2.95 12.08
C LEU B 223 -36.73 -2.52 11.73
N ASP B 224 -37.06 -2.53 10.44
CA ASP B 224 -38.42 -2.16 10.01
C ASP B 224 -39.44 -3.14 10.54
N ALA B 225 -39.12 -4.43 10.57
CA ALA B 225 -40.06 -5.41 11.14
C ALA B 225 -40.29 -5.13 12.60
N TYR B 226 -39.21 -4.81 13.33
CA TYR B 226 -39.36 -4.58 14.76
C TYR B 226 -40.14 -3.30 15.03
N LYS B 227 -39.92 -2.27 14.21
CA LYS B 227 -40.64 -1.02 14.39
C LYS B 227 -42.14 -1.21 14.31
N ALA B 228 -42.59 -2.14 13.48
CA ALA B 228 -44.01 -2.38 13.25
C ALA B 228 -44.65 -3.30 14.29
N ARG B 229 -43.88 -4.01 15.12
CA ARG B 229 -44.44 -4.89 16.15
C ARG B 229 -45.29 -4.11 17.14
N LYS B 230 -46.49 -4.62 17.45
CA LYS B 230 -47.32 -3.90 18.41
C LYS B 230 -46.70 -3.87 19.80
N ASP B 231 -45.88 -4.87 20.14
CA ASP B 231 -45.21 -4.97 21.44
C ASP B 231 -43.79 -4.46 21.42
N MET B 232 -43.39 -3.77 20.36
CA MET B 232 -42.04 -3.27 20.27
C MET B 232 -41.74 -2.37 21.46
N ASN B 233 -40.51 -2.43 21.89
CA ASN B 233 -40.11 -1.56 22.97
C ASN B 233 -39.30 -0.43 22.37
N PRO B 234 -39.69 0.82 22.63
CA PRO B 234 -39.03 1.97 21.98
C PRO B 234 -37.57 2.12 22.33
N ILE B 235 -37.16 1.70 23.52
CA ILE B 235 -35.74 1.74 23.85
C ILE B 235 -34.93 0.78 22.98
N ILE B 236 -35.46 -0.41 22.77
CA ILE B 236 -34.77 -1.40 21.96
C ILE B 236 -34.70 -0.95 20.52
N TYR B 237 -35.81 -0.43 19.99
CA TYR B 237 -35.79 0.09 18.63
C TYR B 237 -34.74 1.20 18.50
N GLU B 238 -34.75 2.16 19.43
CA GLU B 238 -33.79 3.28 19.34
C GLU B 238 -32.36 2.79 19.37
N LEU B 239 -32.07 1.82 20.23
CA LEU B 239 -30.71 1.24 20.25
C LEU B 239 -30.40 0.55 18.92
N GLY B 240 -31.34 -0.22 18.37
CA GLY B 240 -31.13 -0.78 17.05
C GLY B 240 -30.85 0.27 15.98
N LYS B 241 -31.58 1.38 16.02
CA LYS B 241 -31.42 2.42 15.02
C LYS B 241 -30.07 3.10 15.16
N ILE B 242 -29.70 3.47 16.38
CA ILE B 242 -28.42 4.15 16.57
C ILE B 242 -27.26 3.23 16.23
N ASP B 243 -27.39 1.95 16.56
CA ASP B 243 -26.35 0.97 16.19
C ASP B 243 -26.24 0.85 14.66
N PHE B 244 -27.38 0.84 13.97
CA PHE B 244 -27.36 0.79 12.51
C PHE B 244 -26.61 1.99 11.96
N HIS B 245 -26.93 3.18 12.45
CA HIS B 245 -26.27 4.39 11.98
C HIS B 245 -24.75 4.31 12.14
N ILE B 246 -24.29 3.87 13.31
CA ILE B 246 -22.85 3.85 13.58
C ILE B 246 -22.15 2.78 12.78
N ILE B 247 -22.75 1.59 12.73
CA ILE B 247 -22.18 0.53 11.90
C ILE B 247 -22.13 0.95 10.44
N GLN B 248 -23.23 1.54 9.94
CA GLN B 248 -23.24 1.90 8.54
C GLN B 248 -22.09 2.85 8.25
N GLU B 249 -21.88 3.80 9.16
CA GLU B 249 -20.85 4.80 8.94
C GLU B 249 -19.46 4.17 8.98
N THR B 250 -19.26 3.25 9.93
N THR B 250 -19.23 3.24 9.91
CA THR B 250 -18.00 2.52 10.02
CA THR B 250 -17.93 2.58 9.96
C THR B 250 -17.73 1.74 8.74
C THR B 250 -17.71 1.73 8.71
N GLN B 251 -18.76 1.07 8.23
CA GLN B 251 -18.60 0.27 7.02
C GLN B 251 -18.45 1.17 5.80
N LEU B 252 -19.09 2.33 5.78
CA LEU B 252 -18.89 3.28 4.71
C LEU B 252 -17.43 3.71 4.64
N GLN B 253 -16.82 3.95 5.81
CA GLN B 253 -15.42 4.33 5.82
C GLN B 253 -14.56 3.18 5.31
N GLU B 254 -14.94 1.94 5.65
CA GLU B 254 -14.21 0.78 5.14
C GLU B 254 -14.32 0.66 3.62
N VAL B 255 -15.52 0.84 3.07
CA VAL B 255 -15.62 0.62 1.64
C VAL B 255 -14.93 1.79 0.92
N GLN B 256 -14.91 2.98 1.53
CA GLN B 256 -14.10 4.06 0.95
C GLN B 256 -12.63 3.68 0.91
N GLU B 257 -12.14 3.06 1.99
CA GLU B 257 -10.72 2.70 2.00
C GLU B 257 -10.42 1.62 0.97
N VAL B 258 -11.28 0.60 0.87
CA VAL B 258 -11.03 -0.45 -0.12
C VAL B 258 -11.21 0.10 -1.53
N SER B 259 -12.19 0.98 -1.74
CA SER B 259 -12.38 1.57 -3.06
C SER B 259 -11.14 2.38 -3.48
N GLN B 260 -10.57 3.14 -2.56
CA GLN B 260 -9.38 3.94 -2.92
C GLN B 260 -8.20 3.01 -3.18
N TRP B 261 -8.02 1.97 -2.36
CA TRP B 261 -7.01 0.95 -2.63
C TRP B 261 -7.17 0.42 -4.05
N TRP B 262 -8.40 0.04 -4.42
CA TRP B 262 -8.65 -0.55 -5.73
C TRP B 262 -8.33 0.44 -6.84
N THR B 263 -8.79 1.69 -6.66
CA THR B 263 -8.53 2.73 -7.64
C THR B 263 -7.04 2.92 -7.80
N ASN B 264 -6.31 2.88 -6.68
CA ASN B 264 -4.88 3.15 -6.78
C ASN B 264 -4.13 2.03 -7.50
N THR B 265 -4.65 0.79 -7.45
CA THR B 265 -3.99 -0.29 -8.20
C THR B 265 -4.15 -0.11 -9.69
N ASN B 266 -5.19 0.61 -10.11
N ASN B 266 -5.17 0.63 -10.12
CA ASN B 266 -5.55 0.80 -11.51
CA ASN B 266 -5.50 0.79 -11.53
C ASN B 266 -5.86 -0.54 -12.21
C ASN B 266 -5.79 -0.56 -12.22
N LEU B 267 -6.10 -1.61 -11.46
CA LEU B 267 -6.36 -2.91 -12.09
C LEU B 267 -7.58 -2.84 -13.00
N ALA B 268 -8.59 -2.04 -12.64
CA ALA B 268 -9.79 -1.99 -13.47
C ALA B 268 -9.49 -1.39 -14.83
N GLU B 269 -8.53 -0.47 -14.90
CA GLU B 269 -8.15 0.11 -16.19
C GLU B 269 -7.12 -0.76 -16.90
N LYS B 270 -6.16 -1.32 -16.15
CA LYS B 270 -5.04 -2.03 -16.75
C LYS B 270 -5.44 -3.37 -17.33
N LEU B 271 -6.41 -4.03 -16.74
CA LEU B 271 -6.79 -5.35 -17.20
C LEU B 271 -8.07 -5.20 -17.99
N PRO B 272 -8.04 -5.37 -19.31
CA PRO B 272 -9.24 -5.08 -20.11
C PRO B 272 -10.38 -6.00 -19.82
N PHE B 273 -10.14 -7.13 -19.16
CA PHE B 273 -11.12 -8.20 -18.97
C PHE B 273 -11.70 -8.26 -17.58
N VAL B 274 -11.38 -7.32 -16.70
CA VAL B 274 -11.95 -7.35 -15.35
C VAL B 274 -13.05 -6.30 -15.26
N ARG B 275 -14.05 -6.61 -14.43
CA ARG B 275 -15.15 -5.70 -14.17
C ARG B 275 -14.79 -4.82 -12.98
N ASP B 276 -15.33 -3.62 -12.97
CA ASP B 276 -15.03 -2.73 -11.85
C ASP B 276 -16.14 -2.95 -10.83
N ARG B 277 -15.90 -3.84 -9.84
CA ARG B 277 -16.97 -4.34 -8.96
C ARG B 277 -16.56 -4.34 -7.48
N ILE B 278 -15.89 -3.28 -7.03
CA ILE B 278 -15.35 -3.30 -5.67
C ILE B 278 -16.48 -3.26 -4.64
N VAL B 279 -17.58 -2.56 -4.93
CA VAL B 279 -18.65 -2.53 -3.93
C VAL B 279 -19.23 -3.91 -3.76
N GLU B 280 -19.35 -4.66 -4.85
CA GLU B 280 -19.85 -6.05 -4.73
C GLU B 280 -18.90 -6.90 -3.89
N CYS B 281 -17.58 -6.74 -4.07
CA CYS B 281 -16.63 -7.49 -3.27
C CYS B 281 -16.77 -7.13 -1.81
N TYR B 282 -16.94 -5.85 -1.52
CA TYR B 282 -17.10 -5.44 -0.13
C TYR B 282 -18.42 -5.98 0.44
N PHE B 283 -19.47 -6.05 -0.37
CA PHE B 283 -20.74 -6.60 0.12
C PHE B 283 -20.58 -8.04 0.58
N TRP B 284 -19.85 -8.84 -0.18
CA TRP B 284 -19.56 -10.22 0.24
C TRP B 284 -18.80 -10.27 1.56
N ALA B 285 -18.00 -9.25 1.88
CA ALA B 285 -17.25 -9.25 3.13
C ALA B 285 -18.04 -8.68 4.30
N LEU B 286 -19.02 -7.79 4.05
CA LEU B 286 -19.43 -6.94 5.16
C LEU B 286 -20.33 -7.66 6.15
N GLY B 287 -20.89 -8.78 5.79
CA GLY B 287 -21.74 -9.56 6.69
C GLY B 287 -21.00 -10.74 7.28
N LEU B 288 -19.69 -10.86 7.04
CA LEU B 288 -19.00 -12.09 7.42
C LEU B 288 -18.69 -12.15 8.92
N PHE B 289 -18.36 -11.01 9.53
CA PHE B 289 -17.85 -10.95 10.89
C PHE B 289 -18.86 -10.29 11.82
N GLU B 290 -18.66 -10.49 13.12
CA GLU B 290 -19.39 -9.67 14.08
C GLU B 290 -19.22 -8.19 13.72
N PRO B 291 -20.30 -7.43 13.58
CA PRO B 291 -20.16 -6.14 12.89
C PRO B 291 -19.61 -5.02 13.74
N HIS B 292 -19.46 -5.22 15.05
CA HIS B 292 -19.01 -4.12 15.87
C HIS B 292 -17.48 -4.05 15.97
N GLU B 293 -16.79 -5.10 15.53
CA GLU B 293 -15.32 -5.07 15.42
C GLU B 293 -14.93 -5.62 14.06
N TYR B 294 -13.72 -6.18 13.92
CA TYR B 294 -13.32 -6.91 12.70
C TYR B 294 -13.21 -6.03 11.45
N GLY B 295 -12.89 -4.75 11.62
CA GLY B 295 -12.77 -3.88 10.46
C GLY B 295 -11.64 -4.32 9.55
N TYR B 296 -10.48 -4.69 10.14
CA TYR B 296 -9.36 -5.15 9.33
C TYR B 296 -9.74 -6.36 8.52
N GLN B 297 -10.47 -7.30 9.17
CA GLN B 297 -10.83 -8.55 8.54
C GLN B 297 -11.87 -8.33 7.44
N ARG B 298 -12.84 -7.41 7.63
CA ARG B 298 -13.77 -7.13 6.52
C ARG B 298 -13.03 -6.59 5.30
N LYS B 299 -12.13 -5.64 5.52
CA LYS B 299 -11.42 -5.07 4.38
C LYS B 299 -10.51 -6.09 3.73
N MET B 300 -9.84 -6.90 4.54
CA MET B 300 -9.00 -7.96 4.00
C MET B 300 -9.82 -8.97 3.19
N ALA B 301 -10.99 -9.36 3.72
CA ALA B 301 -11.83 -10.28 2.97
C ALA B 301 -12.26 -9.66 1.66
N ALA B 302 -12.60 -8.36 1.63
CA ALA B 302 -12.99 -7.75 0.36
C ALA B 302 -11.83 -7.78 -0.64
N ILE B 303 -10.62 -7.54 -0.16
CA ILE B 303 -9.48 -7.55 -1.08
C ILE B 303 -9.19 -8.96 -1.58
N ILE B 304 -9.28 -9.96 -0.69
CA ILE B 304 -9.03 -11.33 -1.16
C ILE B 304 -10.07 -11.74 -2.20
N ILE B 305 -11.34 -11.38 -1.95
CA ILE B 305 -12.40 -11.67 -2.92
C ILE B 305 -12.14 -10.96 -4.23
N THR B 306 -11.59 -9.73 -4.17
CA THR B 306 -11.20 -9.03 -5.39
C THR B 306 -10.20 -9.86 -6.19
N PHE B 307 -9.16 -10.37 -5.53
CA PHE B 307 -8.14 -11.14 -6.22
C PHE B 307 -8.66 -12.47 -6.68
N VAL B 308 -9.53 -13.12 -5.90
CA VAL B 308 -10.17 -14.33 -6.39
C VAL B 308 -10.87 -14.07 -7.72
N THR B 309 -11.62 -12.98 -7.81
CA THR B 309 -12.37 -12.66 -9.01
C THR B 309 -11.44 -12.41 -10.17
N ILE B 310 -10.36 -11.65 -9.93
CA ILE B 310 -9.45 -11.32 -11.01
C ILE B 310 -8.74 -12.56 -11.49
N ILE B 311 -8.29 -13.42 -10.56
CA ILE B 311 -7.59 -14.62 -10.99
C ILE B 311 -8.56 -15.54 -11.75
N ASP B 312 -9.81 -15.63 -11.29
CA ASP B 312 -10.79 -16.40 -12.04
C ASP B 312 -10.97 -15.81 -13.44
N ASP B 313 -10.97 -14.46 -13.54
CA ASP B 313 -11.06 -13.85 -14.87
C ASP B 313 -9.91 -14.31 -15.74
N VAL B 314 -8.72 -14.41 -15.17
CA VAL B 314 -7.53 -14.82 -15.94
C VAL B 314 -7.74 -16.21 -16.51
N TYR B 315 -8.22 -17.15 -15.68
CA TYR B 315 -8.46 -18.51 -16.14
C TYR B 315 -9.60 -18.58 -17.15
N ASP B 316 -10.50 -17.60 -17.14
N ASP B 316 -10.52 -17.62 -17.16
CA ASP B 316 -11.61 -17.59 -18.09
CA ASP B 316 -11.57 -17.67 -18.19
C ASP B 316 -11.28 -16.93 -19.42
C ASP B 316 -11.08 -17.10 -19.52
N VAL B 317 -10.26 -16.05 -19.48
CA VAL B 317 -10.06 -15.24 -20.68
C VAL B 317 -8.93 -15.77 -21.53
N TYR B 318 -7.90 -16.36 -20.95
CA TYR B 318 -6.82 -16.85 -21.79
C TYR B 318 -7.27 -18.14 -22.45
N ASP B 319 -6.82 -18.38 -23.67
CA ASP B 319 -7.51 -19.42 -24.41
C ASP B 319 -6.68 -20.65 -24.73
N THR B 320 -5.52 -20.87 -24.07
CA THR B 320 -4.84 -22.16 -24.23
C THR B 320 -4.53 -22.74 -22.85
N LEU B 321 -4.55 -24.08 -22.76
CA LEU B 321 -4.17 -24.72 -21.50
C LEU B 321 -2.74 -24.40 -21.13
N ASP B 322 -1.85 -24.25 -22.11
CA ASP B 322 -0.45 -23.94 -21.83
C ASP B 322 -0.29 -22.57 -21.18
N GLU B 323 -1.07 -21.58 -21.58
CA GLU B 323 -0.99 -20.30 -20.89
C GLU B 323 -1.46 -20.41 -19.46
N LEU B 324 -2.53 -21.18 -19.22
CA LEU B 324 -3.00 -21.30 -17.84
C LEU B 324 -2.02 -22.10 -16.99
N GLN B 325 -1.32 -23.05 -17.60
CA GLN B 325 -0.25 -23.78 -16.92
C GLN B 325 0.88 -22.86 -16.48
N LEU B 326 1.22 -21.87 -17.31
CA LEU B 326 2.23 -20.89 -16.91
C LEU B 326 1.81 -20.15 -15.65
N PHE B 327 0.58 -19.66 -15.59
CA PHE B 327 0.11 -18.95 -14.40
C PHE B 327 0.08 -19.86 -13.18
N THR B 328 -0.44 -21.09 -13.35
CA THR B 328 -0.51 -22.02 -12.22
C THR B 328 0.90 -22.31 -11.69
N ASP B 329 1.83 -22.54 -12.60
CA ASP B 329 3.23 -22.78 -12.22
C ASP B 329 3.83 -21.57 -11.51
N ALA B 330 3.49 -20.36 -11.95
CA ALA B 330 3.99 -19.16 -11.28
C ALA B 330 3.51 -19.11 -9.85
N ILE B 331 2.23 -19.38 -9.63
CA ILE B 331 1.72 -19.40 -8.27
C ILE B 331 2.39 -20.52 -7.45
N ARG B 332 2.60 -21.68 -8.07
CA ARG B 332 3.29 -22.76 -7.38
C ARG B 332 4.68 -22.34 -6.89
N LYS B 333 5.42 -21.63 -7.72
CA LYS B 333 6.79 -21.27 -7.35
C LYS B 333 6.82 -20.10 -6.40
N TRP B 334 5.89 -19.17 -6.58
CA TRP B 334 5.73 -18.01 -5.72
C TRP B 334 7.07 -17.31 -5.58
N ASP B 335 7.65 -17.00 -6.72
CA ASP B 335 8.93 -16.30 -6.72
C ASP B 335 8.87 -15.12 -7.67
N VAL B 336 9.91 -14.28 -7.64
CA VAL B 336 9.87 -13.13 -8.52
C VAL B 336 10.29 -13.51 -9.93
N GLU B 337 11.12 -14.54 -10.07
CA GLU B 337 11.57 -14.98 -11.38
C GLU B 337 10.41 -15.39 -12.27
N SER B 338 9.33 -15.90 -11.68
CA SER B 338 8.21 -16.37 -12.51
C SER B 338 7.56 -15.27 -13.30
N ILE B 339 7.67 -14.01 -12.85
CA ILE B 339 7.01 -12.93 -13.59
C ILE B 339 7.46 -12.91 -15.03
N SER B 340 8.75 -13.17 -15.28
CA SER B 340 9.28 -13.13 -16.64
C SER B 340 8.72 -14.22 -17.55
N THR B 341 8.06 -15.25 -17.00
CA THR B 341 7.48 -16.31 -17.83
C THR B 341 6.09 -15.97 -18.33
N LEU B 342 5.47 -14.85 -17.85
CA LEU B 342 4.06 -14.62 -18.06
C LEU B 342 3.83 -13.51 -19.09
N PRO B 343 2.77 -13.63 -19.90
CA PRO B 343 2.34 -12.48 -20.73
C PRO B 343 1.88 -11.33 -19.83
N TYR B 344 1.89 -10.13 -20.40
CA TYR B 344 1.78 -8.90 -19.60
C TYR B 344 0.62 -8.90 -18.61
N TYR B 345 -0.62 -9.24 -19.04
CA TYR B 345 -1.70 -9.11 -18.07
C TYR B 345 -1.60 -10.15 -16.97
N MET B 346 -1.02 -11.32 -17.24
CA MET B 346 -0.73 -12.25 -16.16
C MET B 346 0.35 -11.71 -15.25
N GLN B 347 1.37 -11.03 -15.80
CA GLN B 347 2.36 -10.37 -14.95
C GLN B 347 1.67 -9.41 -13.98
N VAL B 348 0.79 -8.56 -14.50
CA VAL B 348 0.10 -7.59 -13.65
C VAL B 348 -0.71 -8.31 -12.54
N CYS B 349 -1.49 -9.31 -12.93
N CYS B 349 -1.51 -9.29 -12.93
CA CYS B 349 -2.31 -10.03 -11.95
CA CYS B 349 -2.30 -10.03 -11.93
C CYS B 349 -1.43 -10.74 -10.92
C CYS B 349 -1.39 -10.70 -10.91
N TYR B 350 -0.41 -11.48 -11.39
CA TYR B 350 0.45 -12.21 -10.47
C TYR B 350 1.16 -11.26 -9.54
N LEU B 351 1.78 -10.19 -10.08
CA LEU B 351 2.50 -9.30 -9.20
C LEU B 351 1.56 -8.59 -8.25
N ALA B 352 0.33 -8.27 -8.67
CA ALA B 352 -0.60 -7.62 -7.75
C ALA B 352 -0.92 -8.53 -6.57
N VAL B 353 -1.20 -9.82 -6.82
CA VAL B 353 -1.56 -10.70 -5.69
C VAL B 353 -0.32 -11.04 -4.87
N PHE B 354 0.84 -11.24 -5.54
CA PHE B 354 2.10 -11.47 -4.83
C PHE B 354 2.41 -10.30 -3.89
N THR B 355 2.24 -9.06 -4.38
CA THR B 355 2.47 -7.87 -3.56
C THR B 355 1.49 -7.81 -2.38
N TYR B 356 0.19 -8.06 -2.65
CA TYR B 356 -0.79 -8.01 -1.56
C TYR B 356 -0.47 -9.06 -0.48
N ALA B 357 -0.14 -10.29 -0.90
CA ALA B 357 0.26 -11.30 0.07
C ALA B 357 1.43 -10.81 0.93
N SER B 358 2.41 -10.13 0.33
N SER B 358 2.40 -10.13 0.30
CA SER B 358 3.55 -9.67 1.12
CA SER B 358 3.56 -9.62 1.03
C SER B 358 3.11 -8.57 2.08
C SER B 358 3.11 -8.59 2.05
N GLU B 359 2.23 -7.66 1.61
CA GLU B 359 1.67 -6.64 2.51
C GLU B 359 0.93 -7.25 3.68
N LEU B 360 0.04 -8.21 3.38
CA LEU B 360 -0.70 -8.91 4.44
C LEU B 360 0.25 -9.63 5.38
N ALA B 361 1.25 -10.32 4.83
CA ALA B 361 2.21 -11.00 5.69
C ALA B 361 2.94 -10.02 6.59
N TYR B 362 3.25 -8.81 6.05
CA TYR B 362 3.94 -7.83 6.88
C TYR B 362 3.05 -7.40 8.04
N ASP B 363 1.75 -7.13 7.77
CA ASP B 363 0.85 -6.75 8.85
C ASP B 363 0.76 -7.86 9.89
N ILE B 364 0.67 -9.11 9.45
CA ILE B 364 0.58 -10.24 10.38
C ILE B 364 1.87 -10.35 11.19
N LEU B 365 3.02 -10.22 10.52
CA LEU B 365 4.28 -10.26 11.24
C LEU B 365 4.37 -9.17 12.29
N LYS B 366 4.00 -7.95 11.91
CA LYS B 366 4.08 -6.80 12.82
C LYS B 366 3.16 -6.96 14.02
N ASP B 367 1.91 -7.38 13.80
CA ASP B 367 0.87 -7.30 14.85
C ASP B 367 0.68 -8.61 15.58
N GLN B 368 0.91 -9.72 14.92
CA GLN B 368 0.80 -11.03 15.54
C GLN B 368 2.16 -11.69 15.80
N GLY B 369 3.24 -11.18 15.25
CA GLY B 369 4.55 -11.71 15.52
C GLY B 369 4.95 -12.90 14.67
N PHE B 370 4.11 -13.34 13.76
CA PHE B 370 4.30 -14.63 13.11
C PHE B 370 4.63 -14.45 11.64
N ASN B 371 5.55 -15.28 11.13
CA ASN B 371 5.86 -15.34 9.69
C ASN B 371 4.90 -16.28 8.96
N SER B 372 3.92 -15.73 8.25
CA SER B 372 2.84 -16.49 7.65
C SER B 372 2.94 -16.68 6.15
N ILE B 373 3.97 -16.12 5.48
CA ILE B 373 3.89 -16.02 4.02
C ILE B 373 3.80 -17.38 3.35
N SER B 374 4.43 -18.41 3.91
N SER B 374 4.47 -18.41 3.89
CA SER B 374 4.40 -19.72 3.27
CA SER B 374 4.37 -19.73 3.26
C SER B 374 3.02 -20.39 3.41
C SER B 374 2.93 -20.26 3.29
N TYR B 375 2.18 -19.93 4.34
CA TYR B 375 0.79 -20.37 4.43
C TYR B 375 -0.08 -19.55 3.50
N LEU B 376 0.18 -18.23 3.38
CA LEU B 376 -0.61 -17.46 2.45
C LEU B 376 -0.41 -17.96 1.03
N GLN B 377 0.83 -18.37 0.69
CA GLN B 377 1.06 -18.89 -0.65
C GLN B 377 0.24 -20.15 -0.86
N ARG B 378 0.15 -20.99 0.16
CA ARG B 378 -0.62 -22.22 -0.01
C ARG B 378 -2.09 -21.92 -0.23
N SER B 379 -2.60 -20.87 0.43
CA SER B 379 -4.00 -20.47 0.25
C SER B 379 -4.27 -20.09 -1.21
N TRP B 380 -3.37 -19.31 -1.80
CA TRP B 380 -3.58 -18.98 -3.21
C TRP B 380 -3.34 -20.16 -4.11
N LEU B 381 -2.40 -21.04 -3.77
CA LEU B 381 -2.16 -22.16 -4.67
C LEU B 381 -3.38 -23.10 -4.73
N SER B 382 -4.04 -23.32 -3.60
N SER B 382 -4.06 -23.32 -3.61
CA SER B 382 -5.23 -24.17 -3.63
CA SER B 382 -5.20 -24.23 -3.69
C SER B 382 -6.25 -23.63 -4.60
C SER B 382 -6.31 -23.65 -4.57
N LEU B 383 -6.49 -22.32 -4.52
CA LEU B 383 -7.45 -21.67 -5.42
C LEU B 383 -7.07 -21.92 -6.89
N VAL B 384 -5.82 -21.61 -7.27
CA VAL B 384 -5.54 -21.72 -8.70
C VAL B 384 -5.44 -23.16 -9.16
N GLU B 385 -5.09 -24.12 -8.26
CA GLU B 385 -5.13 -25.50 -8.72
C GLU B 385 -6.57 -25.93 -8.99
N GLY B 386 -7.50 -25.34 -8.22
CA GLY B 386 -8.90 -25.62 -8.50
C GLY B 386 -9.33 -25.07 -9.85
N PHE B 387 -8.98 -23.81 -10.13
CA PHE B 387 -9.25 -23.25 -11.44
C PHE B 387 -8.56 -24.04 -12.55
N PHE B 388 -7.29 -24.40 -12.33
CA PHE B 388 -6.58 -25.15 -13.38
C PHE B 388 -7.22 -26.52 -13.61
N GLN B 389 -7.72 -27.16 -12.55
CA GLN B 389 -8.43 -28.43 -12.75
C GLN B 389 -9.68 -28.26 -13.61
N GLU B 390 -10.46 -27.19 -13.36
CA GLU B 390 -11.60 -26.91 -14.23
C GLU B 390 -11.14 -26.70 -15.67
N ALA B 391 -10.03 -26.01 -15.86
CA ALA B 391 -9.57 -25.83 -17.22
C ALA B 391 -9.11 -27.15 -17.85
N LYS B 392 -8.41 -27.99 -17.10
CA LYS B 392 -7.98 -29.26 -17.67
C LYS B 392 -9.18 -30.09 -18.14
N TRP B 393 -10.24 -30.15 -17.33
CA TRP B 393 -11.44 -30.83 -17.79
C TRP B 393 -12.01 -30.18 -19.06
N TYR B 394 -12.12 -28.85 -19.07
CA TYR B 394 -12.69 -28.14 -20.21
C TYR B 394 -11.94 -28.46 -21.51
N TYR B 395 -10.63 -28.21 -21.53
CA TYR B 395 -9.87 -28.47 -22.75
C TYR B 395 -9.92 -29.93 -23.17
N ALA B 396 -10.10 -30.85 -22.21
CA ALA B 396 -10.22 -32.27 -22.53
C ALA B 396 -11.64 -32.68 -22.92
N GLY B 397 -12.60 -31.76 -22.87
CA GLY B 397 -13.98 -32.15 -23.13
C GLY B 397 -14.55 -33.10 -22.12
N TYR B 398 -14.02 -33.11 -20.90
CA TYR B 398 -14.49 -34.01 -19.86
C TYR B 398 -15.52 -33.32 -18.98
N THR B 399 -16.66 -33.98 -18.76
CA THR B 399 -17.66 -33.48 -17.83
C THR B 399 -17.52 -34.22 -16.51
N PRO B 400 -17.20 -33.55 -15.41
CA PRO B 400 -16.95 -34.26 -14.15
C PRO B 400 -18.22 -34.90 -13.63
N THR B 401 -18.07 -35.95 -12.82
CA THR B 401 -19.24 -36.42 -12.09
C THR B 401 -19.61 -35.35 -11.06
N LEU B 402 -20.80 -35.48 -10.47
CA LEU B 402 -21.18 -34.51 -9.44
C LEU B 402 -20.16 -34.50 -8.29
N ALA B 403 -19.78 -35.70 -7.79
CA ALA B 403 -18.81 -35.71 -6.69
C ALA B 403 -17.49 -35.08 -7.09
N GLU B 404 -17.03 -35.29 -8.32
CA GLU B 404 -15.81 -34.63 -8.76
C GLU B 404 -15.99 -33.13 -8.84
N TYR B 405 -17.11 -32.70 -9.43
CA TYR B 405 -17.41 -31.28 -9.54
C TYR B 405 -17.38 -30.61 -8.17
N LEU B 406 -18.06 -31.20 -7.18
CA LEU B 406 -18.14 -30.57 -5.87
C LEU B 406 -16.81 -30.65 -5.13
N GLU B 407 -16.09 -31.75 -5.29
CA GLU B 407 -14.80 -31.87 -4.62
C GLU B 407 -13.87 -30.76 -5.06
N ASN B 408 -13.91 -30.41 -6.36
CA ASN B 408 -13.08 -29.31 -6.84
C ASN B 408 -13.69 -27.95 -6.51
N ALA B 409 -15.01 -27.85 -6.65
CA ALA B 409 -15.69 -26.56 -6.59
C ALA B 409 -15.67 -25.99 -5.19
N LYS B 410 -15.60 -26.85 -4.19
CA LYS B 410 -15.59 -26.35 -2.84
C LYS B 410 -14.29 -25.66 -2.51
N VAL B 411 -13.24 -25.89 -3.29
CA VAL B 411 -11.99 -25.14 -3.16
C VAL B 411 -11.92 -23.99 -4.16
N SER B 412 -12.38 -24.21 -5.39
N SER B 412 -12.40 -24.20 -5.39
CA SER B 412 -12.31 -23.14 -6.38
CA SER B 412 -12.33 -23.16 -6.43
C SER B 412 -13.17 -21.95 -6.00
C SER B 412 -13.37 -22.07 -6.26
N ILE B 413 -14.27 -22.19 -5.28
CA ILE B 413 -15.18 -21.09 -4.96
C ILE B 413 -14.53 -20.09 -4.00
N SER B 414 -13.48 -20.51 -3.30
CA SER B 414 -12.54 -19.68 -2.53
C SER B 414 -12.78 -19.55 -1.02
N SER B 415 -13.82 -20.15 -0.45
CA SER B 415 -13.91 -20.04 1.01
C SER B 415 -12.65 -20.46 1.74
N PRO B 416 -12.01 -21.58 1.41
CA PRO B 416 -10.79 -21.92 2.16
C PRO B 416 -9.70 -20.87 2.00
N THR B 417 -9.60 -20.28 0.81
CA THR B 417 -8.55 -19.28 0.54
C THR B 417 -8.79 -18.03 1.40
N ILE B 418 -10.05 -17.65 1.61
CA ILE B 418 -10.34 -16.50 2.45
C ILE B 418 -10.09 -16.84 3.92
N ILE B 419 -10.74 -17.88 4.43
CA ILE B 419 -10.75 -18.14 5.86
C ILE B 419 -9.36 -18.52 6.36
N SER B 420 -8.61 -19.31 5.57
CA SER B 420 -7.29 -19.70 6.03
C SER B 420 -6.35 -18.49 6.18
N GLN B 421 -6.54 -17.42 5.39
CA GLN B 421 -5.68 -16.25 5.54
C GLN B 421 -6.11 -15.39 6.70
N VAL B 422 -7.43 -15.22 6.88
CA VAL B 422 -7.92 -14.41 7.98
C VAL B 422 -7.47 -15.00 9.31
N TYR B 423 -7.34 -16.35 9.38
CA TYR B 423 -6.88 -17.01 10.59
C TYR B 423 -5.70 -16.29 11.24
N PHE B 424 -4.73 -15.86 10.43
CA PHE B 424 -3.47 -15.38 10.97
C PHE B 424 -3.53 -13.94 11.46
N THR B 425 -4.63 -13.24 11.18
CA THR B 425 -4.81 -11.86 11.60
C THR B 425 -5.49 -11.76 12.94
N LEU B 426 -5.83 -12.89 13.53
CA LEU B 426 -6.53 -12.92 14.80
C LEU B 426 -5.61 -13.60 15.80
N PRO B 427 -5.85 -13.45 17.04
CA PRO B 427 -4.94 -14.05 18.05
C PRO B 427 -5.24 -15.52 18.28
N ASN B 428 -4.84 -16.31 17.29
CA ASN B 428 -4.99 -17.76 17.25
C ASN B 428 -3.61 -18.39 17.22
N SER B 429 -3.51 -19.59 17.81
CA SER B 429 -2.25 -20.33 17.84
C SER B 429 -1.62 -20.48 16.47
N THR B 430 -0.32 -20.21 16.39
CA THR B 430 0.41 -20.48 15.17
C THR B 430 1.30 -21.71 15.33
N GLU B 431 1.06 -22.52 16.36
CA GLU B 431 1.79 -23.77 16.48
C GLU B 431 1.55 -24.65 15.27
N ARG B 432 2.61 -25.35 14.84
CA ARG B 432 2.59 -26.03 13.53
C ARG B 432 1.42 -27.01 13.39
N THR B 433 1.15 -27.85 14.40
CA THR B 433 0.07 -28.83 14.21
C THR B 433 -1.33 -28.19 14.21
N VAL B 434 -1.52 -27.04 14.91
CA VAL B 434 -2.80 -26.33 14.83
C VAL B 434 -2.95 -25.76 13.43
N VAL B 435 -1.88 -25.16 12.90
CA VAL B 435 -1.99 -24.50 11.60
C VAL B 435 -2.19 -25.53 10.50
N GLU B 436 -1.48 -26.66 10.58
CA GLU B 436 -1.67 -27.72 9.60
C GLU B 436 -3.07 -28.32 9.68
N ASN B 437 -3.70 -28.28 10.86
CA ASN B 437 -5.11 -28.65 10.96
C ASN B 437 -5.99 -27.67 10.17
N VAL B 438 -5.77 -26.38 10.38
CA VAL B 438 -6.48 -25.39 9.56
C VAL B 438 -6.25 -25.66 8.09
N PHE B 439 -5.00 -25.97 7.72
CA PHE B 439 -4.63 -26.11 6.33
C PHE B 439 -4.82 -27.51 5.77
N GLY B 440 -5.57 -28.35 6.48
CA GLY B 440 -6.04 -29.61 5.93
C GLY B 440 -6.51 -29.60 4.47
N TYR B 441 -7.41 -28.68 4.04
CA TYR B 441 -8.10 -27.73 4.91
C TYR B 441 -9.03 -28.40 5.91
N HIS B 442 -9.23 -27.72 7.04
CA HIS B 442 -10.22 -28.17 7.99
C HIS B 442 -11.58 -28.21 7.31
N ASN B 443 -12.42 -29.18 7.72
CA ASN B 443 -13.61 -29.39 6.90
C ASN B 443 -14.60 -28.24 6.97
N ILE B 444 -14.54 -27.38 7.99
CA ILE B 444 -15.46 -26.23 8.01
C ILE B 444 -15.20 -25.34 6.80
N LEU B 445 -13.93 -25.24 6.39
CA LEU B 445 -13.59 -24.43 5.22
C LEU B 445 -14.13 -25.05 3.95
N TYR B 446 -14.07 -26.38 3.83
CA TYR B 446 -14.66 -27.03 2.66
C TYR B 446 -16.18 -26.93 2.69
N LEU B 447 -16.80 -27.08 3.88
CA LEU B 447 -18.25 -27.00 3.93
C LEU B 447 -18.75 -25.60 3.60
N SER B 448 -17.98 -24.57 3.96
CA SER B 448 -18.30 -23.21 3.59
C SER B 448 -18.35 -23.06 2.09
N GLY B 449 -17.30 -23.57 1.42
CA GLY B 449 -17.27 -23.51 -0.03
C GLY B 449 -18.39 -24.32 -0.66
N MET B 450 -18.67 -25.48 -0.06
CA MET B 450 -19.77 -26.32 -0.54
C MET B 450 -21.12 -25.58 -0.48
N ILE B 451 -21.42 -24.96 0.66
CA ILE B 451 -22.68 -24.19 0.76
C ILE B 451 -22.69 -23.06 -0.23
N LEU B 452 -21.61 -22.27 -0.27
CA LEU B 452 -21.50 -21.15 -1.20
C LEU B 452 -21.81 -21.61 -2.63
N ARG B 453 -21.19 -22.72 -3.02
CA ARG B 453 -21.33 -23.19 -4.40
C ARG B 453 -22.72 -23.79 -4.66
N LEU B 454 -23.22 -24.64 -3.76
CA LEU B 454 -24.55 -25.20 -3.99
C LEU B 454 -25.61 -24.11 -4.08
N ALA B 455 -25.52 -23.09 -3.21
CA ALA B 455 -26.57 -22.07 -3.23
C ALA B 455 -26.56 -21.30 -4.52
N ASP B 456 -25.36 -20.98 -5.03
CA ASP B 456 -25.23 -20.32 -6.32
C ASP B 456 -25.82 -21.19 -7.44
N ASP B 457 -25.41 -22.46 -7.50
CA ASP B 457 -25.91 -23.32 -8.58
C ASP B 457 -27.41 -23.48 -8.51
N LEU B 458 -27.97 -23.62 -7.31
CA LEU B 458 -29.39 -23.85 -7.15
C LEU B 458 -30.17 -22.60 -7.56
N GLY B 459 -29.75 -21.42 -7.07
CA GLY B 459 -30.54 -20.23 -7.32
C GLY B 459 -30.39 -19.77 -8.75
N THR B 460 -29.18 -19.90 -9.31
CA THR B 460 -28.96 -19.52 -10.69
C THR B 460 -29.73 -20.44 -11.65
N THR B 461 -29.78 -21.75 -11.37
CA THR B 461 -30.57 -22.67 -12.20
C THR B 461 -32.06 -22.35 -12.11
N GLN B 462 -32.55 -22.10 -10.89
CA GLN B 462 -33.96 -21.76 -10.67
C GLN B 462 -34.34 -20.43 -11.31
N PHE B 463 -33.41 -19.49 -11.40
CA PHE B 463 -33.66 -18.19 -12.04
C PHE B 463 -32.59 -17.93 -13.12
N GLU B 464 -32.62 -18.76 -14.16
CA GLU B 464 -31.59 -18.69 -15.18
C GLU B 464 -31.77 -17.43 -16.03
N LEU B 465 -30.64 -16.90 -16.51
CA LEU B 465 -30.73 -15.83 -17.50
C LEU B 465 -31.15 -16.37 -18.87
N LYS B 466 -30.73 -17.59 -19.24
CA LYS B 466 -31.11 -18.20 -20.52
C LYS B 466 -31.89 -19.48 -20.29
N ARG B 467 -33.05 -19.59 -20.95
CA ARG B 467 -33.96 -20.72 -20.74
C ARG B 467 -33.34 -22.01 -21.27
N GLY B 468 -33.33 -23.04 -20.44
CA GLY B 468 -32.74 -24.29 -20.83
C GLY B 468 -31.31 -24.47 -20.36
N ASP B 469 -30.70 -23.42 -19.80
CA ASP B 469 -29.42 -23.52 -19.11
C ASP B 469 -29.64 -24.18 -17.76
N VAL B 470 -28.64 -24.94 -17.32
CA VAL B 470 -28.64 -25.60 -16.01
C VAL B 470 -27.25 -25.42 -15.42
N GLN B 471 -27.17 -25.05 -14.13
CA GLN B 471 -25.83 -24.88 -13.57
C GLN B 471 -25.23 -26.25 -13.30
N LYS B 472 -23.91 -26.27 -13.10
CA LYS B 472 -23.20 -27.53 -13.21
C LYS B 472 -23.67 -28.55 -12.16
N ALA B 473 -23.98 -28.14 -10.92
CA ALA B 473 -24.33 -29.17 -9.93
C ALA B 473 -25.56 -29.95 -10.36
N ILE B 474 -26.54 -29.26 -10.95
CA ILE B 474 -27.75 -29.96 -11.38
C ILE B 474 -27.47 -30.74 -12.66
N GLN B 475 -26.69 -30.17 -13.59
CA GLN B 475 -26.35 -30.90 -14.80
C GLN B 475 -25.56 -32.17 -14.48
N CYS B 476 -24.58 -32.07 -13.57
CA CYS B 476 -23.82 -33.27 -13.25
C CYS B 476 -24.72 -34.34 -12.65
N TYR B 477 -25.69 -33.95 -11.82
CA TYR B 477 -26.59 -34.96 -11.28
C TYR B 477 -27.38 -35.60 -12.40
N MET B 478 -27.85 -34.76 -13.34
CA MET B 478 -28.60 -35.28 -14.48
C MET B 478 -27.77 -36.26 -15.32
N ASN B 479 -26.50 -35.92 -15.58
CA ASN B 479 -25.63 -36.84 -16.33
C ASN B 479 -25.34 -38.12 -15.55
N ASP B 480 -24.97 -37.97 -14.27
CA ASP B 480 -24.57 -39.11 -13.45
C ASP B 480 -25.66 -40.16 -13.36
N ASN B 481 -26.92 -39.71 -13.32
CA ASN B 481 -28.05 -40.56 -12.94
C ASN B 481 -29.08 -40.71 -14.04
N ASN B 482 -28.85 -40.11 -15.21
CA ASN B 482 -29.87 -40.07 -16.27
C ASN B 482 -31.18 -39.57 -15.68
N ALA B 483 -31.10 -38.45 -14.98
CA ALA B 483 -32.20 -37.89 -14.22
C ALA B 483 -32.68 -36.60 -14.86
N THR B 484 -33.89 -36.20 -14.49
CA THR B 484 -34.47 -34.98 -15.02
C THR B 484 -33.87 -33.76 -14.34
N GLU B 485 -34.05 -32.60 -14.95
CA GLU B 485 -33.64 -31.36 -14.30
C GLU B 485 -34.32 -31.20 -12.93
N GLU B 486 -35.59 -31.59 -12.84
CA GLU B 486 -36.31 -31.45 -11.58
C GLU B 486 -35.73 -32.34 -10.50
N GLU B 487 -35.44 -33.61 -10.84
CA GLU B 487 -34.81 -34.52 -9.89
C GLU B 487 -33.46 -33.98 -9.42
N GLY B 488 -32.64 -33.47 -10.34
CA GLY B 488 -31.37 -32.89 -9.94
C GLY B 488 -31.50 -31.65 -9.07
N THR B 489 -32.50 -30.81 -9.35
CA THR B 489 -32.77 -29.67 -8.48
C THR B 489 -33.13 -30.12 -7.07
N GLU B 490 -34.00 -31.12 -6.97
CA GLU B 490 -34.38 -31.59 -5.65
C GLU B 490 -33.19 -32.20 -4.92
N HIS B 491 -32.35 -32.97 -5.63
CA HIS B 491 -31.15 -33.51 -5.00
C HIS B 491 -30.22 -32.40 -4.50
N VAL B 492 -30.03 -31.34 -5.29
CA VAL B 492 -29.13 -30.29 -4.85
C VAL B 492 -29.70 -29.56 -3.63
N LYS B 493 -31.03 -29.42 -3.55
CA LYS B 493 -31.65 -28.90 -2.32
C LYS B 493 -31.31 -29.79 -1.14
N TYR B 494 -31.36 -31.11 -1.36
CA TYR B 494 -31.00 -32.04 -0.30
C TYR B 494 -29.55 -31.88 0.10
N LEU B 495 -28.64 -31.77 -0.90
CA LEU B 495 -27.21 -31.62 -0.59
C LEU B 495 -26.95 -30.32 0.18
N LEU B 496 -27.68 -29.25 -0.15
CA LEU B 496 -27.53 -28.01 0.62
C LEU B 496 -27.94 -28.21 2.08
N ARG B 497 -29.08 -28.86 2.32
CA ARG B 497 -29.45 -29.13 3.70
C ARG B 497 -28.46 -30.05 4.38
N GLU B 498 -27.93 -31.02 3.65
CA GLU B 498 -26.96 -31.92 4.26
C GLU B 498 -25.65 -31.22 4.58
N ALA B 499 -25.21 -30.32 3.69
CA ALA B 499 -23.99 -29.55 3.99
C ALA B 499 -24.17 -28.72 5.26
N TRP B 500 -25.38 -28.16 5.47
CA TRP B 500 -25.64 -27.37 6.66
C TRP B 500 -25.66 -28.27 7.89
N GLN B 501 -26.21 -29.46 7.75
CA GLN B 501 -26.21 -30.42 8.85
C GLN B 501 -24.79 -30.75 9.26
N GLU B 502 -23.91 -30.94 8.28
CA GLU B 502 -22.51 -31.23 8.60
C GLU B 502 -21.83 -30.00 9.19
N MET B 503 -22.16 -28.81 8.67
CA MET B 503 -21.57 -27.58 9.16
C MET B 503 -21.98 -27.34 10.60
N ASN B 504 -23.25 -27.64 10.92
CA ASN B 504 -23.72 -27.42 12.27
C ASN B 504 -22.95 -28.31 13.24
N SER B 505 -22.76 -29.57 12.87
CA SER B 505 -22.00 -30.47 13.72
C SER B 505 -20.57 -30.00 13.87
N ALA B 506 -19.99 -29.50 12.77
CA ALA B 506 -18.60 -29.09 12.82
C ALA B 506 -18.43 -27.85 13.70
N MET B 507 -19.36 -26.89 13.61
CA MET B 507 -19.34 -25.72 14.48
C MET B 507 -19.31 -26.10 15.94
N ALA B 508 -19.94 -27.21 16.30
CA ALA B 508 -20.10 -27.62 17.68
C ALA B 508 -18.94 -28.46 18.20
N ASP B 509 -18.00 -28.82 17.36
CA ASP B 509 -16.90 -29.70 17.74
C ASP B 509 -15.96 -28.93 18.67
N PRO B 510 -15.73 -29.38 19.90
CA PRO B 510 -14.95 -28.56 20.83
C PRO B 510 -13.47 -28.48 20.46
N ASP B 511 -13.00 -29.36 19.59
CA ASP B 511 -11.58 -29.42 19.22
C ASP B 511 -11.30 -28.59 17.98
N CYS B 512 -12.26 -27.80 17.53
CA CYS B 512 -12.10 -27.06 16.29
C CYS B 512 -10.91 -26.12 16.42
N PRO B 513 -9.98 -26.09 15.45
CA PRO B 513 -8.86 -25.17 15.57
C PRO B 513 -9.24 -23.74 15.21
N LEU B 514 -10.44 -23.52 14.64
CA LEU B 514 -10.87 -22.19 14.27
C LEU B 514 -11.61 -21.54 15.42
N SER B 515 -11.27 -20.28 15.70
CA SER B 515 -11.99 -19.50 16.70
C SER B 515 -13.45 -19.32 16.27
N GLU B 516 -14.32 -19.05 17.23
CA GLU B 516 -15.74 -19.00 16.88
C GLU B 516 -16.05 -17.86 15.91
N ASP B 517 -15.25 -16.79 15.93
CA ASP B 517 -15.49 -15.66 15.04
C ASP B 517 -15.19 -16.04 13.60
N LEU B 518 -14.20 -16.92 13.39
CA LEU B 518 -13.88 -17.41 12.04
C LEU B 518 -14.86 -18.48 11.57
N VAL B 519 -15.34 -19.34 12.48
CA VAL B 519 -16.41 -20.26 12.10
C VAL B 519 -17.63 -19.50 11.63
N PHE B 520 -17.99 -18.43 12.36
CA PHE B 520 -19.09 -17.55 11.96
C PHE B 520 -18.86 -17.00 10.57
N ALA B 521 -17.65 -16.52 10.28
CA ALA B 521 -17.38 -15.98 8.95
C ALA B 521 -17.46 -17.07 7.88
N ALA B 522 -16.99 -18.29 8.19
CA ALA B 522 -17.05 -19.35 7.18
C ALA B 522 -18.49 -19.71 6.89
N ALA B 523 -19.31 -19.81 7.93
CA ALA B 523 -20.72 -20.06 7.68
C ALA B 523 -21.37 -18.90 6.96
N ASN B 524 -20.98 -17.66 7.30
CA ASN B 524 -21.59 -16.52 6.65
C ASN B 524 -21.20 -16.36 5.20
N LEU B 525 -20.06 -16.93 4.76
CA LEU B 525 -19.80 -16.95 3.32
C LEU B 525 -20.89 -17.74 2.58
N GLY B 526 -21.24 -18.90 3.12
CA GLY B 526 -22.37 -19.66 2.60
C GLY B 526 -23.66 -18.86 2.64
N ARG B 527 -23.94 -18.22 3.78
CA ARG B 527 -25.18 -17.49 3.91
C ARG B 527 -25.26 -16.32 2.94
N THR B 528 -24.12 -15.68 2.65
CA THR B 528 -24.17 -14.56 1.72
C THR B 528 -24.57 -15.04 0.34
N SER B 529 -24.03 -16.18 -0.06
CA SER B 529 -24.43 -16.77 -1.33
C SER B 529 -25.93 -17.07 -1.32
N GLN B 530 -26.42 -17.62 -0.22
CA GLN B 530 -27.87 -17.87 -0.15
C GLN B 530 -28.67 -16.59 -0.28
N PHE B 531 -28.20 -15.51 0.35
CA PHE B 531 -28.93 -14.24 0.26
C PHE B 531 -28.96 -13.72 -1.18
N ILE B 532 -27.85 -13.80 -1.88
CA ILE B 532 -27.78 -13.24 -3.23
C ILE B 532 -28.56 -14.10 -4.23
N TYR B 533 -28.39 -15.42 -4.15
CA TYR B 533 -28.88 -16.30 -5.21
C TYR B 533 -30.21 -16.97 -4.88
N LEU B 534 -30.53 -17.13 -3.60
CA LEU B 534 -31.72 -17.87 -3.15
C LEU B 534 -32.77 -16.95 -2.53
N ASP B 535 -32.55 -15.64 -2.53
CA ASP B 535 -33.50 -14.63 -2.05
C ASP B 535 -33.59 -14.59 -0.53
N ILE B 546 -30.79 -6.92 -6.50
CA ILE B 546 -29.80 -7.12 -5.45
C ILE B 546 -28.89 -5.91 -5.38
N HIS B 547 -28.66 -5.24 -6.50
CA HIS B 547 -27.83 -4.04 -6.42
C HIS B 547 -28.55 -2.95 -5.66
N ASN B 548 -29.89 -2.94 -5.71
CA ASN B 548 -30.66 -2.03 -4.84
C ASN B 548 -30.49 -2.37 -3.36
N GLN B 549 -30.50 -3.66 -3.02
CA GLN B 549 -30.32 -4.02 -1.62
C GLN B 549 -28.92 -3.67 -1.15
N MET B 550 -27.92 -3.83 -2.01
CA MET B 550 -26.55 -3.46 -1.64
C MET B 550 -26.45 -1.97 -1.35
N GLY B 551 -26.97 -1.14 -2.27
CA GLY B 551 -26.90 0.29 -2.07
C GLY B 551 -27.74 0.77 -0.93
N GLY B 552 -28.87 0.11 -0.66
CA GLY B 552 -29.68 0.53 0.45
C GLY B 552 -29.03 0.27 1.78
N LEU B 553 -28.26 -0.81 1.87
CA LEU B 553 -27.55 -1.12 3.11
C LEU B 553 -26.35 -0.19 3.31
N ILE B 554 -25.59 0.02 2.23
CA ILE B 554 -24.29 0.69 2.32
C ILE B 554 -24.44 2.21 2.29
N PHE B 555 -25.27 2.74 1.39
CA PHE B 555 -25.24 4.16 1.11
C PHE B 555 -26.50 4.94 1.47
N GLU B 556 -27.58 4.28 1.78
CA GLU B 556 -28.81 5.05 1.98
C GLU B 556 -29.15 5.13 3.47
N PRO B 557 -29.58 6.30 3.95
CA PRO B 557 -29.84 6.44 5.39
C PRO B 557 -31.01 5.60 5.85
N TYR B 558 -30.92 5.15 7.10
CA TYR B 558 -32.07 4.59 7.81
C TYR B 558 -32.71 5.72 8.60
N VAL B 559 -33.98 6.02 8.32
CA VAL B 559 -34.67 7.08 9.05
C VAL B 559 -35.76 6.48 9.94
C1 EDO C . 21.94 27.74 -7.91
O1 EDO C . 21.57 27.89 -9.28
C2 EDO C . 22.64 26.40 -7.82
O2 EDO C . 23.75 26.47 -8.70
C1 EDO D . 5.72 5.60 -11.65
O1 EDO D . 4.68 6.09 -12.52
C2 EDO D . 6.18 4.20 -12.06
O2 EDO D . 6.92 4.32 -13.29
C1 EDO E . 29.48 20.00 -16.43
O1 EDO E . 29.01 20.22 -17.78
C2 EDO E . 30.72 20.85 -16.20
O2 EDO E . 31.76 20.36 -17.05
C1 EDO F . 13.76 6.68 8.71
O1 EDO F . 13.59 7.75 9.61
C2 EDO F . 15.09 6.03 9.02
O2 EDO F . 15.34 6.03 10.43
C1 EDO G . -3.83 -7.14 11.25
O1 EDO G . -3.78 -6.61 12.58
C2 EDO G . -2.79 -8.25 11.13
O2 EDO G . -2.88 -9.15 12.24
C1 EDO H . -12.64 -7.55 -9.71
O1 EDO H . -13.32 -7.28 -10.94
C2 EDO H . -13.53 -7.13 -8.58
O2 EDO H . -13.78 -5.73 -8.71
C1 EDO I . -30.31 -14.05 11.31
O1 EDO I . -30.40 -15.21 12.14
C2 EDO I . -31.04 -12.92 12.03
O2 EDO I . -30.64 -12.88 13.40
C1 EDO J . -31.23 -32.67 6.55
O1 EDO J . -32.36 -32.03 5.94
C2 EDO J . -30.50 -33.43 5.46
O2 EDO J . -31.43 -34.35 4.87
#